data_7C0F
#
_entry.id   7C0F
#
_cell.length_a   58.160
_cell.length_b   120.880
_cell.length_c   66.060
_cell.angle_alpha   90.000
_cell.angle_beta   90.000
_cell.angle_gamma   90.000
#
_symmetry.space_group_name_H-M   'P 1 21 1'
#
loop_
_entity.id
_entity.type
_entity.pdbx_description
1 polymer 'Sugar ABC transporter, periplasmic sugar-binding protein'
2 non-polymer 'CHLORIDE ION'
3 non-polymer HYPOPHOSPHITE
4 non-polymer 'CARBON DIOXIDE'
5 non-polymer 1,2-ETHANEDIOL
6 non-polymer GLYCEROL
7 non-polymer DI(HYDROXYETHYL)ETHER
8 non-polymer 1,3-PROPANDIOL
9 non-polymer 'TETRAETHYLENE GLYCOL'
10 non-polymer 'PENTAETHYLENE GLYCOL'
11 non-polymer '[(1S,3R,3aR,6aS)-3-(2-azanyl-6-oxidanylidene-1H-purin-9-yl)-5,5-bis(oxidanyl)-1,3,3a,4,6,6a-hexahydrocyclopenta[c]furan-1-yl]methyl [(2R,3S,4R,5R)-5-[2,4-bis(oxidanylidene)pyrimidin-1-yl]-2-(hydroxymethyl)-4-oxidanyl-oxolan-3-yl] hydrogen phosphate'
12 non-polymer S-1,2-PROPANEDIOL
13 non-polymer R-1,2-PROPANEDIOL
14 water water
#
_entity_poly.entity_id   1
_entity_poly.type   'polypeptide(L)'
_entity_poly.pdbx_seq_one_letter_code
;MMKPEDVIKEQCARAKVVAELWHGFTGGAPKAALENLVVEFNKAQQGRCVRPVPQGGYRDLSTKIKAAFAAGKVPTMAQA
FENNIALYLEAKALLPIESLGVKLQGVNLTFLNAVRFGGVVYGVPFNKSIQVLYYNKDLLKKHGVPVPATLEEFVAAAKK
LSRAEGGPVYWFQPDASTFAYFFFNLGGSYLKDGKLVLNSKEAVEALTLLQNGVKEGWAKPITSGYINQNLGSGPYAFSV
DTSAGYTYYLRAAKFDLGVATLPGRTKGQPGYGLVQGTNLVVFRQASKEEQAVAKDFLEFVLSPRAQAVFATATGYVPVT
EGALKDPVYQAYAAENPDYATIVRQSRYAKFEPALAEWEQIRFDILGQAIKEAILNKADPKAALDRAQKLAEDLLSSRTR
HHHHHH
;
_entity_poly.pdbx_strand_id   A,B
#
loop_
_chem_comp.id
_chem_comp.type
_chem_comp.name
_chem_comp.formula
1PE non-polymer 'PENTAETHYLENE GLYCOL' 'C10 H22 O6'
CL non-polymer 'CHLORIDE ION' 'Cl -1'
CO2 non-polymer 'CARBON DIOXIDE' 'C O2'
EDO non-polymer 1,2-ETHANEDIOL 'C2 H6 O2'
FGO non-polymer '[(1S,3R,3aR,6aS)-3-(2-azanyl-6-oxidanylidene-1H-purin-9-yl)-5,5-bis(oxidanyl)-1,3,3a,4,6,6a-hexahydrocyclopenta[c]furan-1-yl]methyl [(2R,3S,4R,5R)-5-[2,4-bis(oxidanylidene)pyrimidin-1-yl]-2-(hydroxymethyl)-4-oxidanyl-oxolan-3-yl] hydrogen phosphate' 'C22 H28 N7 O13 P'
GOL non-polymer GLYCEROL 'C3 H8 O3'
PDO non-polymer 1,3-PROPANDIOL 'C3 H8 O2'
PEG non-polymer DI(HYDROXYETHYL)ETHER 'C4 H10 O3'
PG4 non-polymer 'TETRAETHYLENE GLYCOL' 'C8 H18 O5'
PGO non-polymer S-1,2-PROPANEDIOL 'C3 H8 O2'
PGR non-polymer R-1,2-PROPANEDIOL 'C3 H8 O2'
PO2 non-polymer HYPOPHOSPHITE 'O2 P -1'
#
# COMPACT_ATOMS: atom_id res chain seq x y z
N LYS A 3 46.18 2.06 4.32
CA LYS A 3 45.26 2.48 3.24
C LYS A 3 44.65 1.24 2.60
N PRO A 4 43.32 1.04 2.75
CA PRO A 4 42.68 -0.23 2.43
C PRO A 4 42.90 -0.66 0.96
N GLU A 5 42.80 0.29 0.02
CA GLU A 5 42.97 0.03 -1.43
C GLU A 5 44.40 -0.50 -1.69
N ASP A 6 45.38 -0.20 -0.83
CA ASP A 6 46.76 -0.71 -0.95
C ASP A 6 46.80 -2.15 -0.45
N VAL A 7 46.19 -2.40 0.71
CA VAL A 7 45.97 -3.79 1.22
C VAL A 7 45.37 -4.65 0.09
N ILE A 8 44.36 -4.17 -0.62
CA ILE A 8 43.62 -4.93 -1.66
C ILE A 8 44.55 -5.21 -2.85
N LYS A 9 45.37 -4.22 -3.23
CA LYS A 9 46.30 -4.29 -4.39
C LYS A 9 47.27 -5.46 -4.11
N GLU A 10 47.81 -5.50 -2.90
CA GLU A 10 48.63 -6.61 -2.35
C GLU A 10 47.85 -7.92 -2.55
N GLN A 11 46.63 -7.98 -1.99
CA GLN A 11 45.81 -9.23 -1.95
C GLN A 11 45.64 -9.71 -3.41
N CYS A 12 45.38 -8.79 -4.32
CA CYS A 12 44.97 -9.15 -5.71
C CYS A 12 46.24 -9.58 -6.48
N ALA A 13 47.44 -9.10 -6.11
CA ALA A 13 48.71 -9.51 -6.76
C ALA A 13 48.99 -11.01 -6.54
N ARG A 14 48.71 -11.55 -5.35
CA ARG A 14 48.96 -12.97 -4.94
C ARG A 14 47.82 -13.91 -5.43
N ALA A 15 46.80 -13.39 -6.12
CA ALA A 15 45.53 -14.09 -6.45
C ALA A 15 45.53 -14.63 -7.88
N LYS A 16 45.14 -15.89 -8.06
CA LYS A 16 44.93 -16.52 -9.37
C LYS A 16 43.61 -16.06 -9.98
N VAL A 17 42.59 -15.82 -9.16
CA VAL A 17 41.28 -15.38 -9.73
C VAL A 17 40.85 -14.08 -9.07
N VAL A 18 40.56 -13.11 -9.92
CA VAL A 18 40.20 -11.73 -9.49
C VAL A 18 38.84 -11.39 -10.04
N ALA A 19 37.91 -11.05 -9.17
CA ALA A 19 36.57 -10.58 -9.57
C ALA A 19 36.57 -9.06 -9.35
N GLU A 20 36.58 -8.27 -10.42
CA GLU A 20 36.48 -6.80 -10.29
C GLU A 20 35.05 -6.44 -9.87
N LEU A 21 34.92 -5.43 -9.06
CA LEU A 21 33.61 -4.84 -8.71
C LEU A 21 33.72 -3.35 -9.04
N TRP A 22 33.02 -2.92 -10.08
CA TRP A 22 33.02 -1.49 -10.49
C TRP A 22 31.99 -0.74 -9.64
N HIS A 23 32.37 0.39 -9.08
CA HIS A 23 31.46 1.11 -8.18
C HIS A 23 31.54 2.60 -8.48
N GLY A 24 30.61 3.34 -7.88
CA GLY A 24 30.46 4.79 -8.03
C GLY A 24 30.72 5.54 -6.74
N PHE A 25 31.49 4.98 -5.81
CA PHE A 25 31.82 5.64 -4.53
C PHE A 25 33.08 6.49 -4.72
N THR A 26 32.94 7.82 -4.54
CA THR A 26 34.04 8.79 -4.83
C THR A 26 34.89 8.94 -3.58
N GLY A 27 34.38 8.65 -2.38
CA GLY A 27 35.17 8.92 -1.16
C GLY A 27 34.35 8.71 0.09
N GLY A 28 34.70 9.38 1.21
CA GLY A 28 33.91 9.38 2.44
C GLY A 28 33.66 7.96 2.99
N ALA A 29 32.72 7.86 3.91
CA ALA A 29 32.41 6.60 4.62
C ALA A 29 31.89 5.53 3.66
N PRO A 30 31.16 5.82 2.56
CA PRO A 30 30.81 4.77 1.61
C PRO A 30 31.99 3.99 1.04
N LYS A 31 33.02 4.68 0.58
CA LYS A 31 34.20 4.04 -0.06
C LYS A 31 34.97 3.31 1.03
N ALA A 32 35.15 3.92 2.19
CA ALA A 32 35.95 3.31 3.29
C ALA A 32 35.18 2.05 3.72
N ALA A 33 33.86 2.12 3.82
CA ALA A 33 33.11 0.96 4.37
C ALA A 33 33.13 -0.19 3.34
N LEU A 34 33.03 0.11 2.06
CA LEU A 34 33.03 -0.94 1.00
C LEU A 34 34.42 -1.60 0.98
N GLU A 35 35.43 -0.79 1.04
CA GLU A 35 36.81 -1.28 0.90
C GLU A 35 37.14 -2.15 2.12
N ASN A 36 36.77 -1.74 3.33
CA ASN A 36 37.04 -2.55 4.54
C ASN A 36 36.26 -3.90 4.41
N LEU A 37 35.06 -3.90 3.82
CA LEU A 37 34.33 -5.17 3.59
C LEU A 37 35.17 -6.04 2.66
N VAL A 38 35.65 -5.48 1.56
CA VAL A 38 36.46 -6.24 0.57
C VAL A 38 37.73 -6.80 1.23
N VAL A 39 38.42 -5.99 2.03
CA VAL A 39 39.65 -6.43 2.75
C VAL A 39 39.36 -7.68 3.59
N GLU A 40 38.29 -7.64 4.40
CA GLU A 40 37.89 -8.75 5.27
C GLU A 40 37.55 -9.97 4.39
N PHE A 41 36.75 -9.78 3.36
CA PHE A 41 36.42 -10.88 2.42
C PHE A 41 37.74 -11.50 1.91
N ASN A 42 38.63 -10.71 1.37
CA ASN A 42 39.83 -11.23 0.66
C ASN A 42 40.71 -11.99 1.66
N LYS A 43 40.74 -11.59 2.94
CA LYS A 43 41.58 -12.30 3.92
C LYS A 43 41.08 -13.72 4.11
N ALA A 44 39.77 -13.98 3.99
CA ALA A 44 39.23 -15.35 4.18
C ALA A 44 39.42 -16.21 2.93
N GLN A 45 40.19 -15.81 1.92
CA GLN A 45 40.24 -16.56 0.64
C GLN A 45 41.64 -17.12 0.45
N GLN A 46 41.80 -18.08 -0.45
CA GLN A 46 43.15 -18.50 -0.89
C GLN A 46 43.20 -18.43 -2.41
N GLY A 47 44.02 -17.51 -2.93
CA GLY A 47 44.28 -17.38 -4.37
C GLY A 47 43.09 -16.80 -5.14
N ARG A 48 42.11 -16.23 -4.43
CA ARG A 48 40.97 -15.46 -5.00
C ARG A 48 40.85 -14.12 -4.24
N CYS A 49 40.25 -13.13 -4.88
CA CYS A 49 40.09 -11.78 -4.32
C CYS A 49 38.98 -11.10 -5.13
N VAL A 50 38.31 -10.14 -4.50
CA VAL A 50 37.51 -9.10 -5.15
C VAL A 50 38.39 -7.87 -5.30
N ARG A 51 38.35 -7.24 -6.46
CA ARG A 51 39.04 -5.94 -6.67
C ARG A 51 38.01 -4.86 -6.94
N PRO A 52 37.81 -3.94 -5.99
CA PRO A 52 36.91 -2.81 -6.17
C PRO A 52 37.59 -1.79 -7.07
N VAL A 53 36.89 -1.28 -8.09
CA VAL A 53 37.44 -0.31 -9.06
C VAL A 53 36.52 0.89 -9.10
N PRO A 54 36.94 2.07 -8.56
CA PRO A 54 36.13 3.28 -8.66
C PRO A 54 36.09 3.80 -10.10
N GLN A 55 34.90 4.09 -10.62
CA GLN A 55 34.67 4.52 -12.00
C GLN A 55 34.24 5.98 -12.02
N GLY A 56 34.29 6.67 -10.88
CA GLY A 56 33.77 8.02 -10.70
C GLY A 56 32.47 7.96 -9.93
N GLY A 57 31.50 8.76 -10.33
CA GLY A 57 30.14 8.72 -9.76
C GLY A 57 29.32 7.62 -10.45
N TYR A 58 28.04 7.57 -10.14
CA TYR A 58 27.15 6.54 -10.68
C TYR A 58 26.97 6.76 -12.20
N ARG A 59 26.98 8.00 -12.68
CA ARG A 59 26.77 8.32 -14.12
CA ARG A 59 26.73 8.20 -14.14
C ARG A 59 27.98 7.80 -14.93
N ASP A 60 29.16 8.16 -14.43
CA ASP A 60 30.47 7.67 -14.96
C ASP A 60 30.45 6.14 -14.93
N LEU A 61 29.96 5.52 -13.87
CA LEU A 61 29.92 4.01 -13.79
C LEU A 61 29.08 3.47 -14.95
N SER A 62 27.86 4.01 -15.19
CA SER A 62 26.97 3.44 -16.23
C SER A 62 27.58 3.68 -17.62
N THR A 63 28.21 4.85 -17.84
CA THR A 63 28.94 5.18 -19.10
C THR A 63 30.06 4.17 -19.32
N LYS A 64 30.90 3.88 -18.33
CA LYS A 64 32.04 2.95 -18.45
C LYS A 64 31.57 1.53 -18.64
N ILE A 65 30.47 1.14 -18.01
CA ILE A 65 29.94 -0.24 -18.25
C ILE A 65 29.44 -0.34 -19.69
N LYS A 66 28.74 0.68 -20.19
CA LYS A 66 28.26 0.65 -21.60
C LYS A 66 29.48 0.47 -22.52
N ALA A 67 30.58 1.16 -22.26
CA ALA A 67 31.80 1.11 -23.12
C ALA A 67 32.47 -0.24 -22.93
N ALA A 68 32.36 -0.84 -21.75
CA ALA A 68 32.93 -2.18 -21.45
C ALA A 68 32.18 -3.23 -22.27
N PHE A 69 30.87 -3.11 -22.51
CA PHE A 69 30.14 -4.07 -23.38
C PHE A 69 30.67 -3.94 -24.80
N ALA A 70 30.88 -2.70 -25.23
CA ALA A 70 31.35 -2.37 -26.59
C ALA A 70 32.77 -2.91 -26.75
N ALA A 71 33.59 -2.94 -25.68
CA ALA A 71 34.97 -3.45 -25.74
C ALA A 71 35.03 -4.98 -25.53
N GLY A 72 33.91 -5.64 -25.21
CA GLY A 72 33.86 -7.05 -24.75
C GLY A 72 34.62 -7.32 -23.45
N LYS A 73 34.80 -6.36 -22.54
CA LYS A 73 35.64 -6.58 -21.33
C LYS A 73 34.94 -6.02 -20.08
N VAL A 74 33.96 -6.75 -19.59
CA VAL A 74 33.12 -6.37 -18.42
C VAL A 74 33.78 -6.81 -17.12
N PRO A 75 33.51 -6.13 -15.98
CA PRO A 75 33.89 -6.68 -14.68
C PRO A 75 33.07 -7.93 -14.36
N THR A 76 33.41 -8.68 -13.33
CA THR A 76 32.51 -9.73 -12.76
C THR A 76 31.26 -9.07 -12.16
N MET A 77 31.42 -7.99 -11.38
CA MET A 77 30.32 -7.36 -10.59
C MET A 77 30.33 -5.84 -10.80
N ALA A 78 29.17 -5.19 -10.62
CA ALA A 78 29.03 -3.73 -10.66
C ALA A 78 27.83 -3.35 -9.80
N GLN A 79 27.86 -2.14 -9.27
CA GLN A 79 26.64 -1.47 -8.78
C GLN A 79 25.78 -1.14 -9.99
N ALA A 80 24.47 -1.16 -9.81
CA ALA A 80 23.45 -0.80 -10.79
C ALA A 80 22.16 -0.37 -10.09
N PHE A 81 21.59 0.73 -10.54
CA PHE A 81 20.17 1.08 -10.28
C PHE A 81 19.28 0.13 -11.06
N GLU A 82 18.02 0.05 -10.62
CA GLU A 82 17.00 -0.86 -11.19
C GLU A 82 16.89 -0.57 -12.70
N ASN A 83 16.98 0.71 -13.08
CA ASN A 83 16.79 1.11 -14.51
C ASN A 83 18.01 0.67 -15.33
N ASN A 84 19.19 0.65 -14.71
CA ASN A 84 20.41 0.18 -15.41
C ASN A 84 20.26 -1.33 -15.54
N ILE A 85 19.72 -2.01 -14.53
CA ILE A 85 19.46 -3.49 -14.69
C ILE A 85 18.57 -3.71 -15.92
N ALA A 86 17.49 -2.92 -16.10
CA ALA A 86 16.53 -3.09 -17.20
C ALA A 86 17.28 -2.98 -18.51
N LEU A 87 18.19 -2.01 -18.59
CA LEU A 87 19.10 -1.81 -19.77
C LEU A 87 20.02 -3.02 -19.96
N TYR A 88 20.74 -3.45 -18.93
CA TYR A 88 21.75 -4.51 -19.10
C TYR A 88 21.01 -5.78 -19.54
N LEU A 89 19.76 -6.00 -19.11
CA LEU A 89 18.96 -7.18 -19.53
C LEU A 89 18.62 -7.16 -21.03
N GLU A 90 18.47 -5.99 -21.67
CA GLU A 90 18.27 -5.90 -23.13
C GLU A 90 19.47 -6.52 -23.85
N ALA A 91 20.67 -6.30 -23.37
CA ALA A 91 21.89 -6.91 -23.94
C ALA A 91 22.06 -8.34 -23.42
N LYS A 92 21.09 -8.83 -22.64
CA LYS A 92 21.09 -10.17 -22.00
C LYS A 92 22.40 -10.44 -21.25
N ALA A 93 22.87 -9.47 -20.50
CA ALA A 93 24.25 -9.44 -19.97
C ALA A 93 24.31 -9.93 -18.53
N LEU A 94 23.18 -10.13 -17.85
CA LEU A 94 23.19 -10.40 -16.39
C LEU A 94 22.89 -11.87 -16.09
N LEU A 95 23.60 -12.39 -15.11
CA LEU A 95 23.34 -13.75 -14.60
C LEU A 95 22.23 -13.66 -13.56
N PRO A 96 21.22 -14.55 -13.62
CA PRO A 96 20.24 -14.67 -12.54
C PRO A 96 20.95 -14.99 -11.21
N ILE A 97 20.63 -14.25 -10.16
CA ILE A 97 21.34 -14.34 -8.87
C ILE A 97 21.12 -15.73 -8.29
N GLU A 98 19.90 -16.25 -8.33
CA GLU A 98 19.56 -17.58 -7.73
C GLU A 98 20.17 -18.68 -8.59
N SER A 99 20.55 -18.44 -9.84
CA SER A 99 21.32 -19.50 -10.58
C SER A 99 22.71 -19.63 -9.93
N LEU A 100 23.25 -18.60 -9.26
CA LEU A 100 24.58 -18.69 -8.62
C LEU A 100 24.46 -19.45 -7.31
N GLY A 101 23.26 -19.65 -6.79
CA GLY A 101 23.05 -20.30 -5.48
C GLY A 101 23.08 -19.31 -4.31
N VAL A 102 22.85 -18.00 -4.52
CA VAL A 102 22.83 -17.03 -3.40
C VAL A 102 21.48 -17.12 -2.70
N LYS A 103 21.50 -17.33 -1.37
CA LYS A 103 20.30 -17.38 -0.51
C LYS A 103 19.83 -15.95 -0.33
N LEU A 104 18.56 -15.69 -0.60
CA LEU A 104 17.97 -14.35 -0.45
C LEU A 104 16.89 -14.31 0.64
N GLN A 105 16.70 -15.38 1.40
CA GLN A 105 15.80 -15.35 2.59
C GLN A 105 16.14 -14.15 3.48
N GLY A 106 15.13 -13.45 3.96
CA GLY A 106 15.37 -12.39 4.95
C GLY A 106 15.73 -11.07 4.27
N VAL A 107 15.94 -11.06 2.96
CA VAL A 107 16.20 -9.77 2.25
C VAL A 107 14.89 -9.00 2.21
N ASN A 108 14.90 -7.75 2.62
CA ASN A 108 13.74 -6.82 2.52
C ASN A 108 13.02 -7.01 1.18
N LEU A 109 11.70 -7.27 1.19
CA LEU A 109 10.93 -7.58 -0.06
C LEU A 109 10.80 -6.29 -0.90
N THR A 110 10.80 -5.12 -0.29
CA THR A 110 10.77 -3.81 -0.96
C THR A 110 11.98 -3.76 -1.89
N PHE A 111 13.18 -4.07 -1.38
CA PHE A 111 14.41 -4.07 -2.19
C PHE A 111 14.35 -5.25 -3.17
N LEU A 112 13.94 -6.43 -2.73
CA LEU A 112 14.08 -7.63 -3.63
C LEU A 112 13.07 -7.51 -4.78
N ASN A 113 11.83 -7.11 -4.51
CA ASN A 113 10.78 -6.85 -5.52
C ASN A 113 11.38 -5.99 -6.62
N ALA A 114 12.10 -4.92 -6.29
CA ALA A 114 12.62 -3.91 -7.21
C ALA A 114 13.70 -4.48 -8.17
N VAL A 115 14.32 -5.61 -7.87
CA VAL A 115 15.37 -6.26 -8.71
C VAL A 115 14.81 -7.51 -9.44
N ARG A 116 13.49 -7.74 -9.39
CA ARG A 116 12.84 -8.93 -10.00
CA ARG A 116 12.84 -8.93 -10.00
C ARG A 116 12.31 -8.51 -11.37
N PHE A 117 12.77 -9.14 -12.44
CA PHE A 117 12.29 -8.84 -13.81
C PHE A 117 11.78 -10.14 -14.40
N GLY A 118 10.52 -10.16 -14.82
CA GLY A 118 9.86 -11.41 -15.23
C GLY A 118 9.91 -12.47 -14.16
N GLY A 119 9.76 -12.08 -12.89
CA GLY A 119 9.81 -13.02 -11.76
C GLY A 119 11.23 -13.48 -11.46
N VAL A 120 12.26 -12.95 -12.12
CA VAL A 120 13.67 -13.41 -11.85
C VAL A 120 14.47 -12.30 -11.18
N VAL A 121 15.17 -12.62 -10.08
CA VAL A 121 16.08 -11.68 -9.39
C VAL A 121 17.37 -11.53 -10.21
N TYR A 122 17.73 -10.31 -10.57
CA TYR A 122 18.97 -9.99 -11.34
C TYR A 122 19.93 -9.06 -10.60
N GLY A 123 19.65 -8.70 -9.38
CA GLY A 123 20.60 -7.98 -8.55
C GLY A 123 20.43 -8.29 -7.06
N VAL A 124 21.47 -8.02 -6.30
CA VAL A 124 21.49 -8.13 -4.82
C VAL A 124 21.46 -6.73 -4.24
N PRO A 125 20.40 -6.37 -3.48
CA PRO A 125 20.39 -5.10 -2.77
C PRO A 125 21.62 -5.03 -1.86
N PHE A 126 22.39 -3.95 -1.96
CA PHE A 126 23.70 -3.84 -1.26
C PHE A 126 23.73 -2.54 -0.48
N ASN A 127 23.74 -1.40 -1.15
CA ASN A 127 23.81 -0.04 -0.54
C ASN A 127 22.54 0.69 -0.97
N LYS A 128 21.45 0.50 -0.21
CA LYS A 128 20.13 1.05 -0.55
C LYS A 128 19.86 2.14 0.45
N SER A 129 19.40 3.28 -0.04
CA SER A 129 19.21 4.53 0.75
C SER A 129 17.76 4.92 0.67
N ILE A 130 17.30 5.68 1.64
CA ILE A 130 15.92 6.23 1.63
C ILE A 130 16.07 7.71 1.93
N GLN A 131 15.26 8.60 1.33
CA GLN A 131 15.30 10.01 1.72
C GLN A 131 14.86 10.12 3.20
N VAL A 132 15.44 11.04 3.95
CA VAL A 132 15.00 11.37 5.33
C VAL A 132 14.89 12.90 5.43
N LEU A 133 14.25 13.38 6.49
CA LEU A 133 14.31 14.83 6.83
C LEU A 133 15.55 15.06 7.69
N TYR A 134 16.54 15.77 7.15
CA TYR A 134 17.65 16.31 7.96
C TYR A 134 17.18 17.63 8.55
N TYR A 135 17.58 17.92 9.79
CA TYR A 135 17.23 19.25 10.33
C TYR A 135 18.31 19.77 11.28
N ASN A 136 18.15 21.06 11.61
CA ASN A 136 18.98 21.74 12.62
C ASN A 136 18.18 21.76 13.92
N LYS A 137 18.54 20.87 14.84
CA LYS A 137 17.85 20.75 16.14
C LYS A 137 17.94 22.10 16.83
N ASP A 138 19.08 22.76 16.74
CA ASP A 138 19.34 24.03 17.48
C ASP A 138 18.44 25.11 16.93
N LEU A 139 18.31 25.22 15.59
CA LEU A 139 17.51 26.31 15.02
C LEU A 139 15.99 26.06 15.28
N LEU A 140 15.46 24.83 15.17
CA LEU A 140 14.04 24.53 15.54
C LEU A 140 13.81 24.91 17.03
N LYS A 141 14.68 24.49 17.95
CA LYS A 141 14.47 24.81 19.38
C LYS A 141 14.47 26.33 19.58
N LYS A 142 15.33 27.02 18.82
CA LYS A 142 15.56 28.46 18.93
C LYS A 142 14.24 29.24 18.75
N HIS A 143 13.35 28.75 17.90
CA HIS A 143 12.06 29.44 17.62
C HIS A 143 10.86 28.59 18.06
N GLY A 144 11.07 27.51 18.80
CA GLY A 144 9.95 26.77 19.42
C GLY A 144 9.13 26.02 18.39
N VAL A 145 9.74 25.61 17.28
CA VAL A 145 9.11 24.85 16.17
C VAL A 145 9.35 23.36 16.33
N PRO A 146 8.25 22.59 16.49
CA PRO A 146 8.32 21.15 16.45
C PRO A 146 8.78 20.62 15.10
N VAL A 147 9.37 19.44 15.15
CA VAL A 147 9.71 18.72 13.90
C VAL A 147 8.39 18.57 13.14
N PRO A 148 8.31 19.01 11.86
CA PRO A 148 7.08 18.87 11.11
C PRO A 148 6.76 17.40 10.75
N ALA A 149 5.53 16.95 11.03
CA ALA A 149 5.12 15.58 10.64
C ALA A 149 4.26 15.60 9.38
N THR A 150 3.67 16.74 8.95
CA THR A 150 2.90 16.81 7.67
C THR A 150 3.52 17.82 6.69
N LEU A 151 3.21 17.66 5.42
CA LEU A 151 3.60 18.63 4.38
C LEU A 151 3.14 20.02 4.78
N GLU A 152 1.91 20.16 5.20
CA GLU A 152 1.34 21.47 5.62
C GLU A 152 2.21 22.05 6.76
N GLU A 153 2.56 21.23 7.76
CA GLU A 153 3.43 21.66 8.88
C GLU A 153 4.82 22.04 8.32
N PHE A 154 5.30 21.32 7.33
CA PHE A 154 6.69 21.53 6.87
C PHE A 154 6.80 22.90 6.18
N VAL A 155 5.82 23.24 5.37
CA VAL A 155 5.77 24.54 4.67
C VAL A 155 5.59 25.68 5.69
N ALA A 156 4.76 25.49 6.72
CA ALA A 156 4.54 26.51 7.76
C ALA A 156 5.82 26.79 8.52
N ALA A 157 6.51 25.74 8.95
CA ALA A 157 7.76 25.83 9.74
C ALA A 157 8.83 26.49 8.88
N ALA A 158 8.93 26.10 7.60
CA ALA A 158 9.93 26.77 6.73
C ALA A 158 9.61 28.28 6.62
N LYS A 159 8.34 28.67 6.41
CA LYS A 159 8.02 30.10 6.28
C LYS A 159 8.34 30.78 7.62
N LYS A 160 7.93 30.15 8.73
CA LYS A 160 8.09 30.76 10.05
C LYS A 160 9.58 30.94 10.34
N LEU A 161 10.42 29.90 10.23
CA LEU A 161 11.87 30.04 10.55
C LEU A 161 12.55 30.97 9.53
N SER A 162 12.14 30.94 8.27
CA SER A 162 12.81 31.82 7.27
C SER A 162 12.53 33.28 7.61
N ARG A 163 11.32 33.58 8.12
CA ARG A 163 10.95 34.97 8.49
C ARG A 163 11.80 35.38 9.70
N ALA A 164 11.91 34.53 10.73
CA ALA A 164 12.72 34.86 11.93
C ALA A 164 14.21 34.99 11.58
N GLU A 165 14.77 34.24 10.62
CA GLU A 165 16.23 34.16 10.44
C GLU A 165 16.67 35.04 9.25
N GLY A 166 15.77 35.63 8.48
CA GLY A 166 16.15 36.56 7.40
C GLY A 166 16.68 35.82 6.19
N GLY A 167 16.29 34.56 5.95
CA GLY A 167 16.79 33.81 4.79
C GLY A 167 16.08 32.49 4.62
N PRO A 168 16.12 31.89 3.40
CA PRO A 168 15.43 30.64 3.17
C PRO A 168 16.11 29.48 3.91
N VAL A 169 15.35 28.73 4.72
CA VAL A 169 15.89 27.68 5.64
C VAL A 169 15.60 26.27 5.12
N TYR A 170 14.70 26.08 4.15
CA TYR A 170 14.53 24.75 3.52
C TYR A 170 15.53 24.71 2.34
N TRP A 171 16.60 23.90 2.40
CA TRP A 171 17.61 23.82 1.32
C TRP A 171 17.38 22.58 0.45
N PHE A 172 17.54 22.67 -0.87
CA PHE A 172 17.20 21.59 -1.82
C PHE A 172 18.06 21.74 -3.05
N GLN A 173 18.42 20.63 -3.65
CA GLN A 173 19.00 20.60 -5.01
C GLN A 173 17.83 20.61 -5.95
N PRO A 174 17.88 21.40 -7.01
CA PRO A 174 16.82 21.42 -8.01
C PRO A 174 16.95 20.20 -8.93
N ASP A 175 16.63 19.01 -8.44
CA ASP A 175 16.94 17.77 -9.18
C ASP A 175 15.76 16.82 -9.13
N ALA A 176 15.80 15.77 -9.98
CA ALA A 176 14.76 14.70 -10.03
C ALA A 176 14.54 14.05 -8.64
N SER A 177 15.59 13.90 -7.82
CA SER A 177 15.51 13.16 -6.54
C SER A 177 14.60 13.95 -5.60
N THR A 178 14.86 15.24 -5.46
CA THR A 178 14.07 16.14 -4.58
C THR A 178 12.66 16.31 -5.11
N PHE A 179 12.49 16.50 -6.40
CA PHE A 179 11.16 16.60 -7.01
C PHE A 179 10.35 15.35 -6.65
N ALA A 180 10.94 14.14 -6.67
CA ALA A 180 10.20 12.89 -6.41
C ALA A 180 9.56 12.92 -5.02
N TYR A 181 10.18 13.55 -4.01
CA TYR A 181 9.59 13.58 -2.64
C TYR A 181 8.24 14.32 -2.67
N PHE A 182 8.24 15.49 -3.32
CA PHE A 182 7.05 16.37 -3.39
C PHE A 182 6.01 15.71 -4.31
N PHE A 183 6.45 15.20 -5.44
CA PHE A 183 5.64 14.58 -6.49
C PHE A 183 4.86 13.46 -5.83
N PHE A 184 5.58 12.48 -5.24
CA PHE A 184 5.00 11.25 -4.65
C PHE A 184 4.04 11.68 -3.55
N ASN A 185 4.40 12.61 -2.68
CA ASN A 185 3.56 12.87 -1.47
C ASN A 185 2.39 13.82 -1.78
N LEU A 186 2.23 14.27 -3.01
CA LEU A 186 1.05 15.05 -3.48
C LEU A 186 0.26 14.14 -4.39
N GLY A 187 0.59 12.85 -4.44
CA GLY A 187 -0.32 11.84 -5.03
C GLY A 187 0.10 11.40 -6.43
N GLY A 188 1.29 11.78 -6.89
CA GLY A 188 1.71 11.60 -8.28
C GLY A 188 2.19 10.20 -8.55
N SER A 189 2.08 9.76 -9.77
CA SER A 189 2.70 8.49 -10.21
C SER A 189 3.18 8.71 -11.64
N TYR A 190 4.36 8.19 -11.95
CA TYR A 190 5.07 8.41 -13.23
C TYR A 190 4.45 7.55 -14.30
N LEU A 191 3.90 6.37 -13.97
CA LEU A 191 3.32 5.49 -15.03
C LEU A 191 1.81 5.57 -14.97
N LYS A 192 1.19 5.91 -16.10
CA LYS A 192 -0.28 5.95 -16.26
C LYS A 192 -0.63 4.95 -17.35
N ASP A 193 -1.24 3.82 -16.97
CA ASP A 193 -1.66 2.73 -17.87
C ASP A 193 -0.42 2.34 -18.68
N GLY A 194 0.73 2.30 -18.01
CA GLY A 194 1.98 1.83 -18.63
C GLY A 194 2.69 2.91 -19.43
N LYS A 195 2.11 4.10 -19.64
CA LYS A 195 2.81 5.24 -20.32
C LYS A 195 3.58 6.08 -19.27
N LEU A 196 4.80 6.51 -19.60
CA LEU A 196 5.56 7.47 -18.74
C LEU A 196 5.03 8.90 -18.93
N VAL A 197 4.68 9.56 -17.84
CA VAL A 197 4.05 10.91 -17.81
C VAL A 197 4.80 11.76 -16.77
N LEU A 198 5.45 12.84 -17.26
CA LEU A 198 6.26 13.81 -16.49
C LEU A 198 5.47 15.09 -16.26
N ASN A 199 4.35 15.25 -16.97
CA ASN A 199 3.60 16.53 -16.93
C ASN A 199 2.18 16.38 -16.36
N SER A 200 1.96 15.41 -15.47
CA SER A 200 0.64 15.23 -14.80
C SER A 200 0.40 16.44 -13.92
N LYS A 201 -0.82 16.63 -13.43
CA LYS A 201 -1.08 17.81 -12.61
C LYS A 201 -0.31 17.69 -11.28
N GLU A 202 -0.02 16.49 -10.77
CA GLU A 202 0.71 16.37 -9.49
C GLU A 202 2.16 16.84 -9.74
N ALA A 203 2.73 16.51 -10.89
CA ALA A 203 4.08 16.97 -11.30
C ALA A 203 4.12 18.51 -11.32
N VAL A 204 3.14 19.16 -11.97
CA VAL A 204 3.03 20.64 -12.05
C VAL A 204 2.92 21.19 -10.62
N GLU A 205 2.04 20.58 -9.82
CA GLU A 205 1.77 21.01 -8.45
C GLU A 205 3.05 20.95 -7.61
N ALA A 206 3.84 19.88 -7.75
CA ALA A 206 5.09 19.69 -6.99
C ALA A 206 6.14 20.71 -7.40
N LEU A 207 6.37 20.90 -8.70
CA LEU A 207 7.43 21.84 -9.20
C LEU A 207 6.98 23.28 -8.90
N THR A 208 5.69 23.56 -8.88
CA THR A 208 5.07 24.85 -8.50
C THR A 208 5.34 25.14 -7.02
N LEU A 209 5.19 24.17 -6.15
CA LEU A 209 5.41 24.37 -4.70
C LEU A 209 6.90 24.69 -4.43
N LEU A 210 7.82 23.97 -5.08
CA LEU A 210 9.24 24.35 -4.97
C LEU A 210 9.48 25.77 -5.52
N GLN A 211 8.97 26.10 -6.73
CA GLN A 211 9.22 27.45 -7.33
C GLN A 211 8.59 28.52 -6.42
N ASN A 212 7.44 28.24 -5.88
CA ASN A 212 6.78 29.21 -4.97
C ASN A 212 7.63 29.39 -3.71
N GLY A 213 8.25 28.30 -3.20
CA GLY A 213 9.11 28.42 -2.02
C GLY A 213 10.25 29.38 -2.24
N VAL A 214 10.87 29.35 -3.42
CA VAL A 214 12.05 30.21 -3.71
C VAL A 214 11.54 31.64 -3.79
N LYS A 215 10.51 31.89 -4.59
CA LYS A 215 9.86 33.23 -4.73
CA LYS A 215 9.85 33.23 -4.72
C LYS A 215 9.54 33.78 -3.32
N GLU A 216 8.96 32.96 -2.45
CA GLU A 216 8.42 33.43 -1.13
C GLU A 216 9.53 33.53 -0.11
N GLY A 217 10.74 33.05 -0.41
CA GLY A 217 11.90 33.28 0.45
C GLY A 217 12.04 32.24 1.55
N TRP A 218 11.40 31.06 1.42
CA TRP A 218 11.61 29.96 2.41
C TRP A 218 12.40 28.77 1.86
N ALA A 219 12.55 28.59 0.54
CA ALA A 219 13.29 27.48 -0.08
C ALA A 219 14.52 28.03 -0.79
N LYS A 220 15.69 27.43 -0.55
CA LYS A 220 16.95 27.85 -1.09
C LYS A 220 17.48 26.78 -2.03
N PRO A 221 17.63 27.10 -3.31
CA PRO A 221 18.26 26.19 -4.25
C PRO A 221 19.76 26.14 -4.03
N ILE A 222 20.31 24.93 -3.94
CA ILE A 222 21.76 24.67 -3.78
C ILE A 222 22.28 24.25 -5.17
N THR A 223 23.11 25.06 -5.83
CA THR A 223 23.48 24.79 -7.24
C THR A 223 24.94 24.37 -7.40
N SER A 224 25.76 24.47 -6.36
CA SER A 224 27.18 24.10 -6.44
C SER A 224 27.46 23.16 -5.27
N GLY A 225 27.80 21.90 -5.54
CA GLY A 225 28.00 20.85 -4.52
C GLY A 225 26.72 20.33 -3.87
N TYR A 226 26.88 19.38 -2.97
CA TYR A 226 25.81 18.72 -2.19
C TYR A 226 25.33 19.69 -1.14
N ILE A 227 24.15 19.47 -0.60
CA ILE A 227 23.65 20.37 0.51
C ILE A 227 24.67 20.44 1.66
N ASN A 228 25.17 19.29 2.12
CA ASN A 228 26.12 19.19 3.24
C ASN A 228 27.45 19.91 2.92
N GLN A 229 27.77 20.19 1.66
CA GLN A 229 28.98 20.97 1.28
C GLN A 229 28.69 22.47 1.32
N ASN A 230 27.43 22.89 1.48
CA ASN A 230 27.08 24.32 1.54
C ASN A 230 26.74 24.80 2.96
N LEU A 231 26.71 23.92 3.96
CA LEU A 231 26.33 24.29 5.35
C LEU A 231 27.33 25.32 5.87
N GLY A 232 26.84 26.34 6.57
CA GLY A 232 27.69 27.23 7.41
C GLY A 232 27.55 28.66 6.94
N SER A 233 27.00 28.79 5.74
CA SER A 233 26.62 30.06 5.09
C SER A 233 25.10 30.17 5.02
N GLY A 234 24.53 31.05 5.82
CA GLY A 234 23.07 31.26 5.84
C GLY A 234 22.41 30.31 6.84
N PRO A 235 21.17 30.63 7.27
CA PRO A 235 20.53 29.74 8.22
C PRO A 235 19.97 28.53 7.46
N TYR A 236 20.09 27.34 8.05
CA TYR A 236 19.61 26.06 7.53
C TYR A 236 18.67 25.48 8.58
N ALA A 237 17.48 25.03 8.21
CA ALA A 237 16.58 24.28 9.16
C ALA A 237 16.38 22.85 8.71
N PHE A 238 16.17 22.63 7.42
CA PHE A 238 15.70 21.33 6.90
C PHE A 238 16.26 21.03 5.52
N SER A 239 16.48 19.75 5.24
CA SER A 239 16.61 19.29 3.84
C SER A 239 15.94 17.92 3.73
N VAL A 240 15.50 17.59 2.53
CA VAL A 240 15.08 16.18 2.21
C VAL A 240 16.18 15.52 1.39
N ASP A 241 16.83 14.47 1.91
CA ASP A 241 18.09 13.98 1.29
C ASP A 241 18.30 12.49 1.64
N THR A 242 19.14 11.85 0.85
CA THR A 242 19.58 10.45 1.07
C THR A 242 20.16 10.29 2.47
N SER A 243 19.74 9.22 3.08
CA SER A 243 20.31 8.63 4.31
C SER A 243 21.81 8.34 4.16
N ALA A 244 22.33 8.11 2.95
CA ALA A 244 23.75 7.87 2.68
C ALA A 244 24.50 9.21 2.77
N GLY A 245 23.82 10.34 2.91
CA GLY A 245 24.48 11.62 3.23
C GLY A 245 24.79 11.76 4.73
N TYR A 246 24.34 10.83 5.56
CA TYR A 246 24.38 10.95 7.04
C TYR A 246 25.77 11.38 7.51
N THR A 247 26.84 10.66 7.13
CA THR A 247 28.17 10.93 7.71
C THR A 247 28.67 12.26 7.15
N TYR A 248 28.23 12.61 5.94
CA TYR A 248 28.66 13.88 5.31
C TYR A 248 28.04 15.08 6.01
N TYR A 249 26.76 15.01 6.40
CA TYR A 249 26.09 16.06 7.23
C TYR A 249 26.79 16.16 8.59
N LEU A 250 27.12 15.01 9.20
CA LEU A 250 27.70 14.96 10.57
C LEU A 250 29.04 15.68 10.55
N ARG A 251 29.85 15.46 9.54
CA ARG A 251 31.22 16.04 9.44
C ARG A 251 31.14 17.56 9.16
N ALA A 252 30.14 18.04 8.42
CA ALA A 252 30.06 19.45 7.99
C ALA A 252 29.31 20.31 9.03
N ALA A 253 28.31 19.76 9.71
CA ALA A 253 27.38 20.57 10.55
C ALA A 253 28.10 21.20 11.76
N LYS A 254 28.01 22.51 11.93
CA LYS A 254 28.46 23.21 13.16
C LYS A 254 27.26 23.52 14.07
N PHE A 255 26.24 22.67 14.02
CA PHE A 255 24.99 22.71 14.80
C PHE A 255 24.67 21.24 15.14
N ASP A 256 23.70 21.08 16.03
CA ASP A 256 23.27 19.72 16.44
C ASP A 256 22.34 19.14 15.35
N LEU A 257 22.82 18.16 14.60
CA LEU A 257 22.11 17.57 13.44
C LEU A 257 20.98 16.62 13.92
N GLY A 258 19.78 16.75 13.35
CA GLY A 258 18.63 15.87 13.63
C GLY A 258 18.29 15.05 12.40
N VAL A 259 17.78 13.83 12.58
CA VAL A 259 17.19 13.01 11.50
C VAL A 259 15.78 12.63 11.93
N ALA A 260 14.80 12.84 11.04
CA ALA A 260 13.37 12.51 11.28
C ALA A 260 12.84 11.77 10.06
N THR A 261 11.71 11.12 10.21
CA THR A 261 10.95 10.54 9.10
C THR A 261 10.38 11.71 8.32
N LEU A 262 10.06 11.48 7.07
CA LEU A 262 9.55 12.53 6.13
C LEU A 262 8.15 12.95 6.50
N PRO A 263 7.90 14.25 6.37
CA PRO A 263 6.54 14.78 6.39
C PRO A 263 5.62 14.10 5.34
N GLY A 264 4.43 13.64 5.78
CA GLY A 264 3.40 13.01 4.94
C GLY A 264 2.16 13.89 4.75
N ARG A 265 1.23 13.42 3.93
CA ARG A 265 -0.08 14.08 3.74
C ARG A 265 -0.73 14.27 5.11
N THR A 266 -0.76 13.22 5.94
CA THR A 266 -1.43 13.27 7.30
C THR A 266 -0.48 12.70 8.34
N LYS A 267 -0.83 12.85 9.61
CA LYS A 267 -0.06 12.21 10.71
C LYS A 267 -0.32 10.71 10.74
N GLY A 268 -1.12 10.11 9.88
CA GLY A 268 -1.34 8.65 9.98
C GLY A 268 -0.12 7.88 9.50
N GLN A 269 0.74 8.51 8.73
CA GLN A 269 1.88 7.79 8.11
C GLN A 269 2.92 8.83 7.71
N PRO A 270 4.23 8.55 7.81
CA PRO A 270 5.27 9.41 7.25
C PRO A 270 5.11 9.53 5.74
N GLY A 271 5.75 10.55 5.12
CA GLY A 271 5.74 10.70 3.66
C GLY A 271 6.54 9.56 3.08
N TYR A 272 6.30 9.22 1.83
CA TYR A 272 7.17 8.28 1.10
C TYR A 272 8.48 8.95 0.76
N GLY A 273 9.58 8.20 0.90
CA GLY A 273 10.94 8.59 0.52
C GLY A 273 11.31 7.91 -0.78
N LEU A 274 12.13 8.54 -1.62
CA LEU A 274 12.70 7.90 -2.83
C LEU A 274 13.84 6.99 -2.39
N VAL A 275 13.82 5.72 -2.79
CA VAL A 275 14.90 4.71 -2.63
C VAL A 275 15.97 5.00 -3.66
N GLN A 276 17.20 5.14 -3.18
CA GLN A 276 18.39 5.30 -4.07
C GLN A 276 19.50 4.35 -3.64
N GLY A 277 20.72 4.59 -4.09
CA GLY A 277 21.80 3.63 -3.88
C GLY A 277 21.61 2.45 -4.81
N THR A 278 22.43 1.39 -4.66
CA THR A 278 22.58 0.43 -5.77
C THR A 278 22.49 -1.02 -5.30
N ASN A 279 22.24 -1.85 -6.29
CA ASN A 279 22.29 -3.31 -6.19
C ASN A 279 23.60 -3.78 -6.84
N LEU A 280 24.08 -4.95 -6.48
CA LEU A 280 25.19 -5.63 -7.19
C LEU A 280 24.60 -6.58 -8.24
N VAL A 281 25.09 -6.52 -9.46
CA VAL A 281 24.79 -7.47 -10.55
C VAL A 281 26.05 -8.28 -10.80
N VAL A 282 25.90 -9.45 -11.45
CA VAL A 282 27.00 -10.34 -11.87
C VAL A 282 26.84 -10.56 -13.40
N PHE A 283 27.87 -10.27 -14.17
CA PHE A 283 27.85 -10.31 -15.65
C PHE A 283 28.09 -11.73 -16.12
N ARG A 284 27.26 -12.18 -17.05
CA ARG A 284 27.36 -13.49 -17.75
C ARG A 284 28.78 -13.73 -18.29
N GLN A 285 29.46 -12.69 -18.77
CA GLN A 285 30.77 -12.85 -19.46
C GLN A 285 31.87 -13.23 -18.46
N ALA A 286 31.64 -13.08 -17.17
CA ALA A 286 32.54 -13.51 -16.08
C ALA A 286 32.78 -15.01 -16.19
N SER A 287 33.99 -15.46 -15.89
CA SER A 287 34.35 -16.89 -15.85
C SER A 287 33.59 -17.55 -14.71
N LYS A 288 33.41 -18.86 -14.78
CA LYS A 288 32.89 -19.71 -13.70
C LYS A 288 33.59 -19.42 -12.37
N GLU A 289 34.91 -19.34 -12.39
CA GLU A 289 35.71 -19.15 -11.16
C GLU A 289 35.37 -17.75 -10.59
N GLU A 290 35.23 -16.77 -11.47
CA GLU A 290 34.96 -15.37 -11.07
C GLU A 290 33.55 -15.31 -10.46
N GLN A 291 32.64 -16.10 -11.04
CA GLN A 291 31.20 -16.22 -10.62
C GLN A 291 31.12 -16.86 -9.24
N ALA A 292 31.96 -17.86 -8.95
CA ALA A 292 32.07 -18.49 -7.62
C ALA A 292 32.60 -17.49 -6.55
N VAL A 293 33.55 -16.61 -6.89
CA VAL A 293 34.00 -15.50 -5.98
C VAL A 293 32.81 -14.56 -5.70
N ALA A 294 32.14 -14.09 -6.75
CA ALA A 294 30.97 -13.22 -6.63
C ALA A 294 29.93 -13.86 -5.74
N LYS A 295 29.68 -15.14 -5.93
CA LYS A 295 28.63 -15.80 -5.12
C LYS A 295 29.00 -15.71 -3.63
N ASP A 296 30.25 -16.02 -3.28
CA ASP A 296 30.74 -15.97 -1.87
C ASP A 296 30.77 -14.51 -1.38
N PHE A 297 31.02 -13.56 -2.26
CA PHE A 297 31.12 -12.15 -1.82
C PHE A 297 29.69 -11.63 -1.56
N LEU A 298 28.77 -12.05 -2.42
CA LEU A 298 27.36 -11.61 -2.28
C LEU A 298 26.79 -12.22 -0.99
N GLU A 299 27.07 -13.48 -0.67
CA GLU A 299 26.62 -14.05 0.61
C GLU A 299 27.28 -13.33 1.80
N PHE A 300 28.55 -12.89 1.67
CA PHE A 300 29.30 -12.16 2.72
C PHE A 300 28.56 -10.87 3.08
N VAL A 301 28.26 -10.13 2.04
CA VAL A 301 27.71 -8.74 2.10
C VAL A 301 26.25 -8.76 2.57
N LEU A 302 25.54 -9.90 2.40
CA LEU A 302 24.16 -10.17 2.86
C LEU A 302 24.21 -10.71 4.32
N SER A 303 25.39 -11.00 4.86
CA SER A 303 25.55 -11.58 6.23
C SER A 303 25.18 -10.48 7.25
N PRO A 304 24.64 -10.89 8.41
CA PRO A 304 24.13 -9.90 9.35
C PRO A 304 25.23 -8.94 9.81
N ARG A 305 26.46 -9.44 10.03
CA ARG A 305 27.58 -8.63 10.54
C ARG A 305 27.96 -7.59 9.46
N ALA A 306 28.12 -7.97 8.19
CA ALA A 306 28.55 -7.04 7.13
C ALA A 306 27.48 -5.94 6.98
N GLN A 307 26.22 -6.33 6.95
CA GLN A 307 25.12 -5.35 6.82
C GLN A 307 25.11 -4.40 8.04
N ALA A 308 25.31 -4.90 9.25
CA ALA A 308 25.29 -4.08 10.48
C ALA A 308 26.39 -3.01 10.42
N VAL A 309 27.62 -3.44 10.11
CA VAL A 309 28.83 -2.57 10.04
C VAL A 309 28.64 -1.55 8.89
N PHE A 310 28.27 -2.03 7.70
CA PHE A 310 28.13 -1.14 6.54
C PHE A 310 27.10 -0.05 6.84
N ALA A 311 25.90 -0.42 7.28
CA ALA A 311 24.76 0.46 7.52
C ALA A 311 25.10 1.44 8.65
N THR A 312 25.71 1.01 9.73
CA THR A 312 26.03 1.90 10.87
C THR A 312 27.20 2.83 10.50
N ALA A 313 28.06 2.44 9.56
CA ALA A 313 29.15 3.31 9.12
C ALA A 313 28.67 4.41 8.15
N THR A 314 27.52 4.26 7.49
CA THR A 314 27.17 5.05 6.27
C THR A 314 25.79 5.74 6.40
N GLY A 315 24.79 5.13 7.02
CA GLY A 315 23.39 5.58 6.94
C GLY A 315 22.62 4.89 5.84
N TYR A 316 23.23 3.95 5.11
CA TYR A 316 22.46 3.07 4.21
C TYR A 316 21.55 2.20 5.07
N VAL A 317 20.52 1.69 4.42
CA VAL A 317 19.43 0.88 5.05
C VAL A 317 19.92 -0.56 5.05
N PRO A 318 19.97 -1.20 6.21
CA PRO A 318 20.32 -2.62 6.28
C PRO A 318 19.32 -3.37 5.41
N VAL A 319 19.75 -4.27 4.52
CA VAL A 319 18.85 -4.86 3.48
C VAL A 319 18.21 -6.14 4.00
N THR A 320 18.53 -6.58 5.21
CA THR A 320 18.06 -7.88 5.76
C THR A 320 17.44 -7.69 7.15
N GLU A 321 16.51 -8.59 7.51
CA GLU A 321 15.94 -8.66 8.88
C GLU A 321 17.10 -9.11 9.83
N GLY A 322 18.03 -9.96 9.38
CA GLY A 322 19.10 -10.47 10.26
C GLY A 322 20.05 -9.34 10.75
N ALA A 323 20.28 -8.34 9.90
CA ALA A 323 21.18 -7.25 10.27
C ALA A 323 20.62 -6.54 11.51
N LEU A 324 19.29 -6.41 11.63
CA LEU A 324 18.67 -5.65 12.75
C LEU A 324 18.84 -6.44 14.04
N LYS A 325 19.10 -7.74 13.99
CA LYS A 325 19.22 -8.53 15.23
C LYS A 325 20.70 -8.74 15.54
N ASP A 326 21.60 -8.27 14.67
CA ASP A 326 23.05 -8.47 14.92
C ASP A 326 23.45 -7.60 16.11
N PRO A 327 24.19 -8.11 17.08
CA PRO A 327 24.49 -7.28 18.25
C PRO A 327 25.34 -6.04 17.99
N VAL A 328 26.15 -5.98 16.93
CA VAL A 328 26.89 -4.72 16.63
C VAL A 328 25.86 -3.68 16.18
N TYR A 329 24.93 -4.05 15.29
CA TYR A 329 23.84 -3.15 14.94
C TYR A 329 23.10 -2.71 16.22
N GLN A 330 22.70 -3.61 17.11
CA GLN A 330 21.86 -3.25 18.27
C GLN A 330 22.59 -2.31 19.23
N ALA A 331 23.91 -2.47 19.42
CA ALA A 331 24.72 -1.60 20.31
C ALA A 331 24.82 -0.20 19.71
N TYR A 332 25.06 -0.06 18.41
CA TYR A 332 25.04 1.29 17.80
C TYR A 332 23.63 1.89 17.88
N ALA A 333 22.58 1.13 17.58
CA ALA A 333 21.20 1.64 17.56
C ALA A 333 20.79 2.05 18.98
N ALA A 334 21.28 1.38 20.02
CA ALA A 334 20.87 1.70 21.42
C ALA A 334 21.44 3.08 21.75
N GLU A 335 22.62 3.43 21.22
CA GLU A 335 23.31 4.70 21.51
C GLU A 335 22.86 5.79 20.53
N ASN A 336 22.30 5.48 19.37
CA ASN A 336 22.05 6.49 18.30
C ASN A 336 20.70 6.21 17.65
N PRO A 337 19.63 6.94 18.04
CA PRO A 337 18.30 6.69 17.51
C PRO A 337 18.21 6.95 16.01
N ASP A 338 19.15 7.64 15.39
CA ASP A 338 19.01 7.94 13.94
C ASP A 338 18.94 6.64 13.12
N TYR A 339 19.57 5.56 13.57
CA TYR A 339 19.59 4.28 12.82
C TYR A 339 18.18 3.70 12.78
N ALA A 340 17.47 3.69 13.91
CA ALA A 340 16.05 3.30 13.93
C ALA A 340 15.19 4.25 13.08
N THR A 341 15.38 5.56 13.12
CA THR A 341 14.63 6.49 12.25
C THR A 341 14.83 6.13 10.77
N ILE A 342 16.05 5.82 10.33
CA ILE A 342 16.30 5.45 8.91
C ILE A 342 15.55 4.16 8.63
N VAL A 343 15.64 3.17 9.48
CA VAL A 343 14.91 1.88 9.20
C VAL A 343 13.40 2.11 9.17
N ARG A 344 12.88 2.87 10.08
CA ARG A 344 11.44 3.21 10.04
C ARG A 344 11.07 3.90 8.72
N GLN A 345 11.85 4.86 8.23
CA GLN A 345 11.54 5.54 6.94
C GLN A 345 11.60 4.56 5.78
N SER A 346 12.47 3.56 5.83
CA SER A 346 12.63 2.57 4.74
C SER A 346 11.34 1.79 4.51
N ARG A 347 10.44 1.76 5.46
CA ARG A 347 9.14 1.10 5.28
C ARG A 347 8.23 1.93 4.33
N TYR A 348 8.42 3.23 4.20
CA TYR A 348 7.59 4.13 3.36
C TYR A 348 8.47 4.58 2.19
N ALA A 349 8.54 3.74 1.15
CA ALA A 349 9.56 3.74 0.11
C ALA A 349 8.92 3.66 -1.29
N LYS A 350 9.33 4.56 -2.17
CA LYS A 350 8.95 4.52 -3.61
C LYS A 350 10.21 4.53 -4.49
N PHE A 351 10.02 4.01 -5.68
CA PHE A 351 11.02 3.91 -6.76
C PHE A 351 10.55 4.76 -7.94
N GLU A 352 11.49 5.33 -8.64
CA GLU A 352 11.37 5.83 -10.03
C GLU A 352 11.24 4.61 -10.94
N PRO A 353 10.77 4.85 -12.18
CA PRO A 353 10.47 3.75 -13.11
C PRO A 353 11.74 3.00 -13.49
N ALA A 354 11.69 1.69 -13.66
CA ALA A 354 12.88 0.87 -14.03
C ALA A 354 12.98 0.75 -15.56
N LEU A 355 12.90 1.84 -16.27
CA LEU A 355 12.99 1.83 -17.75
C LEU A 355 14.45 1.94 -18.17
N ALA A 356 14.82 1.26 -19.25
CA ALA A 356 16.18 1.30 -19.84
C ALA A 356 16.63 2.75 -19.97
N GLU A 357 15.75 3.67 -20.37
CA GLU A 357 16.16 5.04 -20.72
C GLU A 357 16.08 5.99 -19.53
N TRP A 358 15.70 5.52 -18.35
CA TRP A 358 15.36 6.41 -17.21
C TRP A 358 16.59 7.24 -16.80
N GLU A 359 17.78 6.65 -16.81
CA GLU A 359 18.95 7.40 -16.36
C GLU A 359 19.07 8.69 -17.17
N GLN A 360 19.06 8.58 -18.50
CA GLN A 360 19.12 9.75 -19.38
C GLN A 360 17.93 10.68 -19.10
N ILE A 361 16.69 10.18 -18.97
CA ILE A 361 15.50 11.05 -18.73
C ILE A 361 15.64 11.82 -17.40
N ARG A 362 16.02 11.14 -16.29
CA ARG A 362 15.99 11.74 -14.93
C ARG A 362 16.93 12.93 -14.88
N PHE A 363 18.06 12.90 -15.61
CA PHE A 363 19.14 13.94 -15.54
C PHE A 363 18.96 14.96 -16.69
N ASP A 364 18.93 14.50 -17.94
CA ASP A 364 19.04 15.37 -19.12
C ASP A 364 17.67 15.95 -19.50
N ILE A 365 16.55 15.39 -19.05
CA ILE A 365 15.20 15.82 -19.46
C ILE A 365 14.41 16.32 -18.23
N LEU A 366 14.03 15.46 -17.29
CA LEU A 366 13.23 15.87 -16.10
C LEU A 366 14.09 16.80 -15.21
N GLY A 367 15.35 16.43 -14.97
CA GLY A 367 16.27 17.26 -14.13
C GLY A 367 16.48 18.64 -14.77
N GLN A 368 16.64 18.70 -16.09
CA GLN A 368 16.76 19.97 -16.83
C GLN A 368 15.48 20.81 -16.66
N ALA A 369 14.28 20.23 -16.78
CA ALA A 369 13.01 20.97 -16.63
C ALA A 369 12.96 21.58 -15.21
N ILE A 370 13.35 20.82 -14.19
CA ILE A 370 13.28 21.30 -12.79
C ILE A 370 14.24 22.50 -12.66
N LYS A 371 15.42 22.41 -13.28
CA LYS A 371 16.41 23.53 -13.28
C LYS A 371 15.87 24.76 -13.98
N GLU A 372 15.27 24.60 -15.15
CA GLU A 372 14.67 25.74 -15.90
C GLU A 372 13.63 26.43 -15.00
N ALA A 373 12.76 25.68 -14.33
CA ALA A 373 11.66 26.26 -13.51
C ALA A 373 12.24 26.98 -12.28
N ILE A 374 13.20 26.36 -11.60
CA ILE A 374 13.73 26.89 -10.32
C ILE A 374 14.79 27.94 -10.60
N LEU A 375 15.73 27.72 -11.53
CA LEU A 375 16.87 28.64 -11.70
C LEU A 375 16.56 29.70 -12.79
N ASN A 376 15.69 29.46 -13.78
CA ASN A 376 15.33 30.50 -14.79
C ASN A 376 13.84 30.90 -14.73
N LYS A 377 13.12 30.45 -13.73
CA LYS A 377 11.69 30.80 -13.51
C LYS A 377 10.83 30.40 -14.71
N ALA A 378 11.21 29.37 -15.48
CA ALA A 378 10.29 28.79 -16.49
C ALA A 378 9.00 28.41 -15.77
N ASP A 379 7.89 28.65 -16.42
CA ASP A 379 6.56 28.22 -15.95
C ASP A 379 6.62 26.70 -15.76
N PRO A 380 6.20 26.18 -14.58
CA PRO A 380 6.29 24.74 -14.33
C PRO A 380 5.67 23.87 -15.42
N LYS A 381 4.45 24.22 -15.83
CA LYS A 381 3.74 23.41 -16.80
C LYS A 381 4.50 23.43 -18.11
N ALA A 382 4.94 24.58 -18.60
CA ALA A 382 5.62 24.67 -19.92
C ALA A 382 6.89 23.86 -19.87
N ALA A 383 7.61 23.90 -18.74
CA ALA A 383 8.88 23.15 -18.56
C ALA A 383 8.63 21.65 -18.61
N LEU A 384 7.59 21.23 -17.91
CA LEU A 384 7.34 19.77 -17.80
C LEU A 384 6.74 19.30 -19.10
N ASP A 385 5.94 20.13 -19.79
CA ASP A 385 5.37 19.77 -21.12
C ASP A 385 6.53 19.57 -22.10
N ARG A 386 7.55 20.42 -22.07
CA ARG A 386 8.72 20.17 -22.92
C ARG A 386 9.36 18.85 -22.52
N ALA A 387 9.56 18.62 -21.24
CA ALA A 387 10.18 17.40 -20.69
C ALA A 387 9.43 16.20 -21.26
N GLN A 388 8.11 16.24 -21.21
CA GLN A 388 7.26 15.10 -21.70
C GLN A 388 7.57 14.80 -23.17
N LYS A 389 7.58 15.84 -23.98
CA LYS A 389 7.76 15.71 -25.44
C LYS A 389 9.15 15.12 -25.68
N LEU A 390 10.20 15.62 -25.03
CA LEU A 390 11.57 15.10 -25.18
C LEU A 390 11.62 13.62 -24.76
N ALA A 391 10.88 13.21 -23.75
CA ALA A 391 10.92 11.82 -23.23
C ALA A 391 10.15 10.89 -24.19
N GLU A 392 8.99 11.31 -24.63
CA GLU A 392 8.26 10.55 -25.70
C GLU A 392 9.14 10.41 -26.94
N ASP A 393 9.85 11.45 -27.38
CA ASP A 393 10.66 11.30 -28.61
C ASP A 393 11.79 10.31 -28.39
N LEU A 394 12.43 10.39 -27.22
CA LEU A 394 13.52 9.45 -26.87
C LEU A 394 12.96 8.03 -26.81
N LEU A 395 11.81 7.83 -26.13
CA LEU A 395 11.18 6.49 -25.98
C LEU A 395 10.75 5.97 -27.34
N SER A 396 10.21 6.80 -28.24
CA SER A 396 9.86 6.42 -29.63
C SER A 396 11.10 5.93 -30.38
N SER A 397 12.18 6.71 -30.36
CA SER A 397 13.47 6.30 -30.96
C SER A 397 14.07 5.21 -30.07
N LYS B 3 0.64 -14.60 19.58
CA LYS B 3 -0.81 -14.43 19.26
C LYS B 3 -1.25 -12.99 19.48
N PRO B 4 -1.69 -12.28 18.41
CA PRO B 4 -1.84 -10.81 18.43
C PRO B 4 -2.70 -10.26 19.58
N GLU B 5 -3.84 -10.89 19.90
CA GLU B 5 -4.73 -10.38 20.98
C GLU B 5 -4.03 -10.54 22.35
N ASP B 6 -3.01 -11.40 22.46
CA ASP B 6 -2.18 -11.51 23.70
C ASP B 6 -1.19 -10.34 23.73
N VAL B 7 -0.51 -10.08 22.60
CA VAL B 7 0.31 -8.86 22.44
C VAL B 7 -0.50 -7.63 22.89
N ILE B 8 -1.74 -7.48 22.44
CA ILE B 8 -2.63 -6.30 22.73
C ILE B 8 -2.94 -6.23 24.21
N LYS B 9 -3.25 -7.38 24.82
CA LYS B 9 -3.62 -7.51 26.26
C LYS B 9 -2.46 -6.94 27.08
N GLU B 10 -1.25 -7.36 26.74
CA GLU B 10 0.01 -6.82 27.28
C GLU B 10 0.00 -5.29 27.14
N GLN B 11 -0.12 -4.81 25.91
CA GLN B 11 0.02 -3.37 25.58
C GLN B 11 -1.02 -2.61 26.42
N CYS B 12 -2.24 -3.15 26.58
CA CYS B 12 -3.39 -2.42 27.17
C CYS B 12 -3.21 -2.44 28.71
N ALA B 13 -2.49 -3.41 29.29
CA ALA B 13 -2.24 -3.47 30.75
C ALA B 13 -1.38 -2.27 31.18
N ARG B 14 -0.39 -1.87 30.36
CA ARG B 14 0.58 -0.79 30.66
C ARG B 14 0.05 0.58 30.20
N ALA B 15 -1.22 0.66 29.78
CA ALA B 15 -1.80 1.87 29.16
C ALA B 15 -2.67 2.61 30.17
N LYS B 16 -2.49 3.92 30.28
CA LYS B 16 -3.34 4.81 31.12
C LYS B 16 -4.67 5.07 30.40
N VAL B 17 -4.66 5.19 29.07
CA VAL B 17 -5.93 5.46 28.35
C VAL B 17 -6.20 4.36 27.33
N VAL B 18 -7.39 3.77 27.44
CA VAL B 18 -7.78 2.62 26.57
C VAL B 18 -9.06 2.98 25.82
N ALA B 19 -9.04 2.89 24.50
CA ALA B 19 -10.24 3.06 23.66
C ALA B 19 -10.66 1.66 23.18
N GLU B 20 -11.76 1.10 23.67
CA GLU B 20 -12.29 -0.19 23.16
C GLU B 20 -12.83 0.00 21.74
N LEU B 21 -12.66 -0.99 20.91
CA LEU B 21 -13.25 -1.03 19.55
C LEU B 21 -14.01 -2.36 19.46
N TRP B 22 -15.33 -2.30 19.43
CA TRP B 22 -16.20 -3.50 19.37
C TRP B 22 -16.39 -3.89 17.91
N HIS B 23 -16.15 -5.16 17.59
CA HIS B 23 -16.19 -5.59 16.18
C HIS B 23 -16.94 -6.90 16.06
N GLY B 24 -17.23 -7.26 14.81
CA GLY B 24 -18.03 -8.43 14.42
C GLY B 24 -17.20 -9.45 13.67
N PHE B 25 -15.88 -9.48 13.85
CA PHE B 25 -15.04 -10.47 13.15
C PHE B 25 -14.83 -11.65 14.10
N THR B 26 -15.32 -12.79 13.67
CA THR B 26 -15.33 -14.08 14.44
C THR B 26 -13.98 -14.78 14.24
N GLY B 27 -13.21 -14.48 13.20
CA GLY B 27 -11.99 -15.28 12.94
C GLY B 27 -11.38 -14.97 11.57
N GLY B 28 -10.48 -15.83 11.11
CA GLY B 28 -9.94 -15.83 9.75
C GLY B 28 -9.11 -14.58 9.53
N ALA B 29 -8.82 -14.27 8.29
CA ALA B 29 -7.93 -13.12 7.94
C ALA B 29 -8.55 -11.78 8.37
N PRO B 30 -9.88 -11.52 8.35
CA PRO B 30 -10.40 -10.24 8.86
C PRO B 30 -10.01 -9.96 10.33
N LYS B 31 -10.14 -10.94 11.22
CA LYS B 31 -9.77 -10.77 12.65
C LYS B 31 -8.27 -10.59 12.75
N ALA B 32 -7.48 -11.44 12.10
CA ALA B 32 -6.00 -11.37 12.17
C ALA B 32 -5.58 -10.00 11.62
N ALA B 33 -6.14 -9.56 10.50
CA ALA B 33 -5.67 -8.28 9.88
C ALA B 33 -6.05 -7.08 10.77
N LEU B 34 -7.19 -7.12 11.44
CA LEU B 34 -7.58 -6.05 12.38
C LEU B 34 -6.62 -6.05 13.55
N GLU B 35 -6.29 -7.24 14.05
CA GLU B 35 -5.41 -7.35 15.23
C GLU B 35 -4.05 -6.77 14.89
N ASN B 36 -3.51 -7.09 13.73
CA ASN B 36 -2.12 -6.71 13.31
C ASN B 36 -2.07 -5.20 13.17
N LEU B 37 -3.13 -4.57 12.67
CA LEU B 37 -3.29 -3.12 12.55
C LEU B 37 -3.22 -2.54 13.94
N VAL B 38 -4.02 -3.06 14.85
CA VAL B 38 -4.08 -2.53 16.24
C VAL B 38 -2.74 -2.68 16.96
N VAL B 39 -2.07 -3.81 16.80
CA VAL B 39 -0.73 -4.04 17.42
C VAL B 39 0.25 -2.95 16.93
N GLU B 40 0.33 -2.72 15.62
CA GLU B 40 1.23 -1.72 15.01
C GLU B 40 0.86 -0.33 15.56
N PHE B 41 -0.42 0.04 15.55
CA PHE B 41 -0.84 1.34 16.13
C PHE B 41 -0.36 1.44 17.59
N ASN B 42 -0.64 0.46 18.41
CA ASN B 42 -0.34 0.51 19.86
C ASN B 42 1.18 0.66 20.07
N LYS B 43 2.00 0.09 19.18
CA LYS B 43 3.48 0.22 19.34
C LYS B 43 3.90 1.67 19.20
N ALA B 44 3.26 2.47 18.36
CA ALA B 44 3.64 3.88 18.16
C ALA B 44 3.08 4.80 19.28
N GLN B 45 2.58 4.27 20.39
CA GLN B 45 1.91 5.11 21.41
C GLN B 45 2.71 5.09 22.69
N GLN B 46 2.45 6.04 23.60
CA GLN B 46 3.00 5.98 24.96
C GLN B 46 1.86 6.13 25.96
N GLY B 47 1.54 5.06 26.67
CA GLY B 47 0.48 5.02 27.71
C GLY B 47 -0.95 5.10 27.16
N ARG B 48 -1.14 4.95 25.85
CA ARG B 48 -2.50 4.83 25.22
C ARG B 48 -2.56 3.58 24.33
N CYS B 49 -3.75 3.02 24.13
CA CYS B 49 -3.90 1.79 23.30
C CYS B 49 -5.34 1.73 22.79
N VAL B 50 -5.55 1.03 21.68
CA VAL B 50 -6.89 0.56 21.26
C VAL B 50 -7.00 -0.88 21.70
N ARG B 51 -8.13 -1.21 22.31
CA ARG B 51 -8.45 -2.62 22.66
C ARG B 51 -9.63 -3.10 21.82
N PRO B 52 -9.35 -4.03 20.88
CA PRO B 52 -10.38 -4.62 20.04
C PRO B 52 -11.09 -5.68 20.87
N VAL B 53 -12.43 -5.69 20.85
CA VAL B 53 -13.26 -6.65 21.62
C VAL B 53 -14.18 -7.33 20.65
N PRO B 54 -14.02 -8.64 20.38
CA PRO B 54 -14.97 -9.37 19.55
C PRO B 54 -16.33 -9.55 20.23
N GLN B 55 -17.42 -9.29 19.53
CA GLN B 55 -18.80 -9.36 20.06
C GLN B 55 -19.55 -10.54 19.41
N GLY B 56 -18.90 -11.29 18.53
CA GLY B 56 -19.57 -12.35 17.76
C GLY B 56 -19.65 -11.92 16.32
N GLY B 57 -20.73 -12.21 15.62
CA GLY B 57 -20.92 -11.68 14.23
C GLY B 57 -21.50 -10.27 14.23
N TYR B 58 -21.88 -9.73 13.08
CA TYR B 58 -22.39 -8.33 12.99
C TYR B 58 -23.75 -8.21 13.71
N ARG B 59 -24.62 -9.22 13.66
CA ARG B 59 -25.94 -9.22 14.32
CA ARG B 59 -25.93 -9.03 14.32
C ARG B 59 -25.73 -9.21 15.84
N ASP B 60 -24.79 -10.04 16.31
CA ASP B 60 -24.42 -10.09 17.75
C ASP B 60 -23.87 -8.72 18.12
N LEU B 61 -23.04 -8.11 17.28
CA LEU B 61 -22.45 -6.77 17.59
C LEU B 61 -23.61 -5.79 17.82
N SER B 62 -24.62 -5.76 16.95
CA SER B 62 -25.64 -4.69 17.04
C SER B 62 -26.56 -4.98 18.23
N THR B 63 -26.85 -6.25 18.53
CA THR B 63 -27.59 -6.62 19.77
C THR B 63 -26.78 -6.15 21.00
N LYS B 64 -25.47 -6.41 21.06
CA LYS B 64 -24.65 -6.08 22.26
C LYS B 64 -24.48 -4.55 22.38
N ILE B 65 -24.42 -3.82 21.27
CA ILE B 65 -24.39 -2.34 21.36
C ILE B 65 -25.75 -1.85 21.88
N LYS B 66 -26.87 -2.42 21.42
CA LYS B 66 -28.21 -2.00 21.94
C LYS B 66 -28.19 -2.19 23.48
N ALA B 67 -27.63 -3.29 23.97
CA ALA B 67 -27.65 -3.63 25.40
C ALA B 67 -26.66 -2.72 26.13
N ALA B 68 -25.57 -2.33 25.45
CA ALA B 68 -24.60 -1.35 25.98
C ALA B 68 -25.28 0.01 26.21
N PHE B 69 -26.13 0.50 25.30
CA PHE B 69 -26.90 1.75 25.55
C PHE B 69 -27.81 1.58 26.79
N ALA B 70 -28.46 0.43 26.89
CA ALA B 70 -29.41 0.16 27.98
C ALA B 70 -28.64 0.06 29.31
N ALA B 71 -27.38 -0.38 29.31
CA ALA B 71 -26.53 -0.47 30.54
C ALA B 71 -25.83 0.88 30.85
N GLY B 72 -25.95 1.88 29.98
CA GLY B 72 -25.28 3.18 30.13
C GLY B 72 -23.80 3.13 29.87
N LYS B 73 -23.26 2.21 29.07
CA LYS B 73 -21.78 2.13 28.89
C LYS B 73 -21.46 1.58 27.51
N VAL B 74 -20.95 2.43 26.63
CA VAL B 74 -20.66 2.12 25.20
C VAL B 74 -19.14 2.19 25.04
N PRO B 75 -18.55 1.43 24.10
CA PRO B 75 -17.13 1.58 23.77
C PRO B 75 -16.86 2.97 23.19
N THR B 76 -15.57 3.34 23.07
CA THR B 76 -15.11 4.49 22.30
C THR B 76 -15.47 4.33 20.79
N MET B 77 -15.21 3.16 20.20
CA MET B 77 -15.45 2.91 18.74
C MET B 77 -16.18 1.58 18.54
N ALA B 78 -16.89 1.45 17.42
CA ALA B 78 -17.52 0.20 16.99
C ALA B 78 -17.65 0.24 15.49
N GLN B 79 -17.66 -0.94 14.92
CA GLN B 79 -18.13 -1.13 13.53
C GLN B 79 -19.62 -0.88 13.51
N ALA B 80 -20.12 -0.39 12.37
CA ALA B 80 -21.57 -0.14 12.14
C ALA B 80 -21.84 -0.06 10.65
N PHE B 81 -22.90 -0.72 10.23
CA PHE B 81 -23.50 -0.53 8.92
C PHE B 81 -24.21 0.83 8.91
N GLU B 82 -24.52 1.34 7.71
CA GLU B 82 -25.05 2.71 7.52
C GLU B 82 -26.38 2.82 8.32
N ASN B 83 -27.26 1.82 8.19
CA ASN B 83 -28.55 1.66 8.90
C ASN B 83 -28.33 1.65 10.42
N ASN B 84 -27.24 1.06 10.94
CA ASN B 84 -27.02 1.11 12.41
C ASN B 84 -26.58 2.56 12.72
N ILE B 85 -25.85 3.25 11.82
CA ILE B 85 -25.49 4.66 12.10
C ILE B 85 -26.79 5.48 12.26
N ALA B 86 -27.76 5.28 11.37
CA ALA B 86 -29.04 6.02 11.35
C ALA B 86 -29.75 5.81 12.69
N LEU B 87 -29.67 4.59 13.19
CA LEU B 87 -30.23 4.18 14.51
C LEU B 87 -29.47 4.90 15.62
N TYR B 88 -28.16 4.80 15.65
CA TYR B 88 -27.40 5.34 16.82
C TYR B 88 -27.61 6.87 16.84
N LEU B 89 -27.82 7.52 15.69
CA LEU B 89 -28.12 8.97 15.59
C LEU B 89 -29.44 9.35 16.23
N GLU B 90 -30.45 8.49 16.23
CA GLU B 90 -31.73 8.76 16.96
C GLU B 90 -31.41 8.99 18.44
N ALA B 91 -30.52 8.17 19.01
CA ALA B 91 -30.09 8.28 20.42
C ALA B 91 -29.09 9.42 20.58
N LYS B 92 -28.74 10.11 19.48
CA LYS B 92 -27.73 11.20 19.44
C LYS B 92 -26.43 10.71 20.11
N ALA B 93 -26.03 9.47 19.84
CA ALA B 93 -24.92 8.77 20.52
C ALA B 93 -23.56 8.99 19.83
N LEU B 94 -23.51 9.55 18.60
CA LEU B 94 -22.23 9.54 17.82
C LEU B 94 -21.60 10.94 17.68
N LEU B 95 -20.29 10.97 17.66
CA LEU B 95 -19.54 12.21 17.36
C LEU B 95 -19.38 12.36 15.87
N PRO B 96 -19.59 13.59 15.35
CA PRO B 96 -19.18 13.93 13.97
C PRO B 96 -17.67 13.74 13.75
N ILE B 97 -17.28 12.95 12.74
CA ILE B 97 -15.87 12.53 12.52
C ILE B 97 -14.99 13.78 12.28
N GLU B 98 -15.44 14.75 11.49
CA GLU B 98 -14.64 16.00 11.24
C GLU B 98 -14.59 16.86 12.51
N SER B 99 -15.45 16.71 13.50
CA SER B 99 -15.25 17.43 14.78
C SER B 99 -14.03 16.84 15.51
N LEU B 100 -13.59 15.60 15.22
CA LEU B 100 -12.36 15.03 15.83
C LEU B 100 -11.13 15.57 15.14
N GLY B 101 -11.30 16.15 13.95
CA GLY B 101 -10.20 16.61 13.09
C GLY B 101 -9.66 15.54 12.13
N VAL B 102 -10.39 14.46 11.84
CA VAL B 102 -9.89 13.41 10.90
C VAL B 102 -10.03 13.93 9.46
N LYS B 103 -8.97 13.84 8.69
CA LYS B 103 -8.90 14.27 7.28
C LYS B 103 -9.57 13.18 6.46
N LEU B 104 -10.54 13.53 5.63
CA LEU B 104 -11.29 12.54 4.81
C LEU B 104 -11.05 12.78 3.33
N GLN B 105 -10.20 13.74 2.95
CA GLN B 105 -9.94 13.93 1.50
C GLN B 105 -9.31 12.64 1.01
N GLY B 106 -9.61 12.23 -0.20
CA GLY B 106 -9.00 10.99 -0.70
C GLY B 106 -9.81 9.75 -0.35
N VAL B 107 -10.74 9.79 0.63
CA VAL B 107 -11.65 8.65 0.89
C VAL B 107 -12.58 8.54 -0.33
N ASN B 108 -12.77 7.35 -0.87
CA ASN B 108 -13.72 7.05 -1.96
C ASN B 108 -15.09 7.71 -1.66
N LEU B 109 -15.62 8.50 -2.62
CA LEU B 109 -16.89 9.25 -2.40
C LEU B 109 -18.09 8.29 -2.27
N THR B 110 -18.02 7.13 -2.94
CA THR B 110 -19.00 6.04 -2.83
C THR B 110 -19.15 5.69 -1.36
N PHE B 111 -18.05 5.44 -0.67
CA PHE B 111 -18.08 5.05 0.76
C PHE B 111 -18.43 6.30 1.58
N LEU B 112 -17.88 7.45 1.28
CA LEU B 112 -18.05 8.61 2.20
C LEU B 112 -19.47 9.16 2.15
N ASN B 113 -20.06 9.23 0.96
CA ASN B 113 -21.43 9.73 0.75
C ASN B 113 -22.34 8.87 1.64
N ALA B 114 -22.10 7.57 1.74
CA ALA B 114 -23.00 6.59 2.40
C ALA B 114 -22.96 6.78 3.92
N VAL B 115 -21.98 7.52 4.47
CA VAL B 115 -21.88 7.77 5.95
C VAL B 115 -22.26 9.24 6.29
N ARG B 116 -22.81 9.97 5.35
CA ARG B 116 -23.14 11.41 5.51
C ARG B 116 -24.61 11.54 5.84
N PHE B 117 -24.98 12.08 6.98
CA PHE B 117 -26.40 12.21 7.40
C PHE B 117 -26.65 13.69 7.65
N GLY B 118 -27.59 14.27 6.92
CA GLY B 118 -27.85 15.72 6.89
C GLY B 118 -26.58 16.49 6.61
N GLY B 119 -25.74 16.01 5.69
CA GLY B 119 -24.53 16.71 5.29
C GLY B 119 -23.35 16.38 6.19
N VAL B 120 -23.52 15.60 7.27
CA VAL B 120 -22.46 15.41 8.29
C VAL B 120 -21.97 13.95 8.27
N VAL B 121 -20.65 13.75 8.22
CA VAL B 121 -20.04 12.40 8.24
C VAL B 121 -20.02 11.86 9.67
N TYR B 122 -20.62 10.68 9.91
CA TYR B 122 -20.67 10.04 11.24
C TYR B 122 -19.98 8.70 11.31
N GLY B 123 -19.33 8.24 10.23
CA GLY B 123 -18.48 7.07 10.33
C GLY B 123 -17.32 7.19 9.33
N VAL B 124 -16.26 6.45 9.62
CA VAL B 124 -15.07 6.31 8.74
C VAL B 124 -15.14 4.96 8.06
N PRO B 125 -15.24 4.92 6.72
CA PRO B 125 -15.21 3.65 6.00
C PRO B 125 -13.93 2.93 6.38
N PHE B 126 -14.07 1.66 6.77
CA PHE B 126 -12.95 0.87 7.31
C PHE B 126 -12.83 -0.40 6.49
N ASN B 127 -13.73 -1.36 6.65
CA ASN B 127 -13.72 -2.69 6.02
C ASN B 127 -14.97 -2.77 5.12
N LYS B 128 -14.85 -2.30 3.87
CA LYS B 128 -15.97 -2.15 2.94
C LYS B 128 -15.75 -3.20 1.84
N SER B 129 -16.75 -4.06 1.63
CA SER B 129 -16.73 -5.16 0.64
C SER B 129 -17.65 -4.83 -0.54
N ILE B 130 -17.44 -5.57 -1.65
CA ILE B 130 -18.31 -5.48 -2.83
C ILE B 130 -18.65 -6.89 -3.24
N GLN B 131 -19.83 -7.19 -3.76
CA GLN B 131 -20.04 -8.56 -4.23
C GLN B 131 -19.18 -8.79 -5.48
N VAL B 132 -18.64 -10.02 -5.62
CA VAL B 132 -17.95 -10.37 -6.88
C VAL B 132 -18.51 -11.68 -7.38
N LEU B 133 -18.19 -12.05 -8.61
CA LEU B 133 -18.48 -13.43 -9.07
C LEU B 133 -17.29 -14.32 -8.67
N TYR B 134 -17.51 -15.27 -7.79
CA TYR B 134 -16.53 -16.36 -7.57
C TYR B 134 -16.83 -17.45 -8.58
N TYR B 135 -15.80 -18.14 -9.06
CA TYR B 135 -16.01 -19.28 -10.01
C TYR B 135 -14.92 -20.36 -9.86
N ASN B 136 -15.21 -21.50 -10.50
CA ASN B 136 -14.32 -22.67 -10.56
C ASN B 136 -13.63 -22.58 -11.93
N LYS B 137 -12.40 -22.11 -11.95
CA LYS B 137 -11.65 -21.93 -13.21
C LYS B 137 -11.51 -23.30 -13.86
N ASP B 138 -11.34 -24.36 -13.07
CA ASP B 138 -11.05 -25.69 -13.63
C ASP B 138 -12.31 -26.21 -14.30
N LEU B 139 -13.48 -26.03 -13.67
CA LEU B 139 -14.70 -26.62 -14.23
C LEU B 139 -15.10 -25.83 -15.49
N LEU B 140 -15.02 -24.50 -15.51
CA LEU B 140 -15.22 -23.70 -16.77
C LEU B 140 -14.24 -24.18 -17.86
N LYS B 141 -12.95 -24.35 -17.57
CA LYS B 141 -12.00 -24.74 -18.65
C LYS B 141 -12.31 -26.14 -19.16
N LYS B 142 -12.69 -27.04 -18.24
CA LYS B 142 -13.10 -28.43 -18.55
C LYS B 142 -14.15 -28.46 -19.68
N HIS B 143 -15.10 -27.52 -19.69
CA HIS B 143 -16.25 -27.54 -20.63
C HIS B 143 -16.13 -26.40 -21.65
N GLY B 144 -15.02 -25.68 -21.70
CA GLY B 144 -14.87 -24.63 -22.72
C GLY B 144 -15.89 -23.51 -22.52
N VAL B 145 -16.32 -23.24 -21.29
CA VAL B 145 -17.29 -22.17 -20.98
C VAL B 145 -16.56 -20.90 -20.56
N PRO B 146 -16.73 -19.80 -21.32
CA PRO B 146 -16.22 -18.50 -20.92
C PRO B 146 -16.86 -18.00 -19.63
N VAL B 147 -16.11 -17.14 -18.96
CA VAL B 147 -16.62 -16.45 -17.76
C VAL B 147 -17.78 -15.57 -18.24
N PRO B 148 -18.99 -15.71 -17.69
CA PRO B 148 -20.14 -14.95 -18.18
C PRO B 148 -20.05 -13.44 -17.86
N ALA B 149 -20.21 -12.58 -18.85
CA ALA B 149 -20.18 -11.12 -18.66
C ALA B 149 -21.60 -10.56 -18.56
N THR B 150 -22.63 -11.31 -18.98
CA THR B 150 -24.05 -10.85 -18.93
C THR B 150 -24.92 -11.82 -18.11
N LEU B 151 -25.97 -11.28 -17.51
CA LEU B 151 -26.94 -12.12 -16.77
C LEU B 151 -27.43 -13.26 -17.68
N GLU B 152 -27.76 -12.95 -18.92
CA GLU B 152 -28.21 -13.97 -19.89
C GLU B 152 -27.12 -15.06 -20.07
N GLU B 153 -25.86 -14.68 -20.24
CA GLU B 153 -24.73 -15.63 -20.34
C GLU B 153 -24.62 -16.40 -19.03
N PHE B 154 -24.85 -15.77 -17.88
CA PHE B 154 -24.64 -16.39 -16.56
C PHE B 154 -25.65 -17.53 -16.41
N VAL B 155 -26.91 -17.27 -16.73
CA VAL B 155 -27.99 -18.29 -16.67
C VAL B 155 -27.72 -19.42 -17.67
N ALA B 156 -27.25 -19.11 -18.87
CA ALA B 156 -26.96 -20.14 -19.90
C ALA B 156 -25.85 -21.04 -19.42
N ALA B 157 -24.76 -20.46 -18.89
CA ALA B 157 -23.55 -21.14 -18.38
C ALA B 157 -23.95 -22.06 -17.26
N ALA B 158 -24.76 -21.56 -16.31
CA ALA B 158 -25.20 -22.39 -15.17
C ALA B 158 -26.01 -23.58 -15.68
N LYS B 159 -26.99 -23.34 -16.54
CA LYS B 159 -27.80 -24.46 -17.09
C LYS B 159 -26.85 -25.44 -17.79
N LYS B 160 -26.01 -24.95 -18.68
CA LYS B 160 -25.12 -25.86 -19.47
C LYS B 160 -24.23 -26.66 -18.50
N LEU B 161 -23.52 -26.05 -17.55
CA LEU B 161 -22.60 -26.81 -16.66
C LEU B 161 -23.38 -27.71 -15.70
N SER B 162 -24.59 -27.31 -15.29
CA SER B 162 -25.40 -28.15 -14.35
C SER B 162 -25.77 -29.44 -15.09
N ARG B 163 -26.19 -29.35 -16.35
CA ARG B 163 -26.54 -30.51 -17.20
C ARG B 163 -25.31 -31.47 -17.27
N ALA B 164 -24.13 -30.97 -17.59
CA ALA B 164 -22.94 -31.77 -17.88
C ALA B 164 -22.38 -32.35 -16.58
N GLU B 165 -22.59 -31.71 -15.44
CA GLU B 165 -22.03 -32.19 -14.16
C GLU B 165 -23.07 -32.99 -13.36
N GLY B 166 -24.33 -33.03 -13.76
CA GLY B 166 -25.36 -33.81 -13.03
C GLY B 166 -25.74 -33.11 -11.72
N GLY B 167 -25.66 -31.79 -11.60
CA GLY B 167 -26.32 -31.08 -10.46
C GLY B 167 -26.12 -29.56 -10.49
N PRO B 168 -26.80 -28.82 -9.59
CA PRO B 168 -26.84 -27.37 -9.66
C PRO B 168 -25.50 -26.70 -9.32
N VAL B 169 -24.98 -25.86 -10.22
CA VAL B 169 -23.55 -25.35 -10.10
C VAL B 169 -23.53 -23.88 -9.66
N TYR B 170 -24.63 -23.15 -9.74
CA TYR B 170 -24.72 -21.79 -9.15
C TYR B 170 -25.18 -21.92 -7.71
N TRP B 171 -24.32 -21.61 -6.73
CA TRP B 171 -24.68 -21.79 -5.30
C TRP B 171 -24.96 -20.43 -4.65
N PHE B 172 -25.95 -20.34 -3.76
CA PHE B 172 -26.45 -19.07 -3.22
C PHE B 172 -27.09 -19.31 -1.86
N GLN B 173 -26.85 -18.39 -0.94
CA GLN B 173 -27.62 -18.25 0.30
C GLN B 173 -28.94 -17.60 -0.07
N PRO B 174 -30.08 -18.18 0.40
CA PRO B 174 -31.38 -17.54 0.17
C PRO B 174 -31.57 -16.37 1.13
N ASP B 175 -30.86 -15.28 0.88
CA ASP B 175 -30.85 -14.12 1.83
C ASP B 175 -31.00 -12.80 1.06
N ALA B 176 -31.22 -11.71 1.78
CA ALA B 176 -31.35 -10.34 1.25
C ALA B 176 -30.14 -9.97 0.40
N SER B 177 -28.93 -10.35 0.82
CA SER B 177 -27.67 -9.96 0.16
C SER B 177 -27.68 -10.50 -1.26
N THR B 178 -28.03 -11.77 -1.45
CA THR B 178 -28.04 -12.39 -2.80
C THR B 178 -29.20 -11.86 -3.62
N PHE B 179 -30.38 -11.83 -3.04
CA PHE B 179 -31.54 -11.10 -3.62
C PHE B 179 -31.11 -9.71 -4.13
N ALA B 180 -30.31 -8.92 -3.41
CA ALA B 180 -29.95 -7.56 -3.86
C ALA B 180 -29.28 -7.56 -5.22
N TYR B 181 -28.47 -8.56 -5.51
CA TYR B 181 -27.70 -8.62 -6.77
C TYR B 181 -28.68 -8.69 -7.93
N PHE B 182 -29.64 -9.62 -7.86
CA PHE B 182 -30.58 -9.92 -8.97
C PHE B 182 -31.56 -8.75 -9.04
N PHE B 183 -32.06 -8.30 -7.88
CA PHE B 183 -33.00 -7.17 -7.80
C PHE B 183 -32.40 -5.95 -8.51
N PHE B 184 -31.19 -5.54 -8.10
CA PHE B 184 -30.52 -4.31 -8.57
C PHE B 184 -30.30 -4.47 -10.09
N ASN B 185 -29.83 -5.65 -10.52
CA ASN B 185 -29.44 -5.80 -11.94
C ASN B 185 -30.66 -6.01 -12.85
N LEU B 186 -31.88 -6.07 -12.29
CA LEU B 186 -33.11 -6.20 -13.10
C LEU B 186 -33.85 -4.88 -13.01
N GLY B 187 -33.20 -3.83 -12.54
CA GLY B 187 -33.74 -2.46 -12.51
C GLY B 187 -34.44 -2.07 -11.21
N GLY B 188 -34.28 -2.85 -10.14
CA GLY B 188 -35.04 -2.64 -8.89
C GLY B 188 -34.47 -1.49 -8.10
N SER B 189 -35.33 -0.77 -7.41
CA SER B 189 -34.95 0.22 -6.40
C SER B 189 -35.89 0.03 -5.22
N TYR B 190 -35.35 0.02 -4.01
CA TYR B 190 -36.09 -0.18 -2.75
C TYR B 190 -36.85 1.10 -2.40
N LEU B 191 -36.32 2.29 -2.70
CA LEU B 191 -37.03 3.53 -2.28
C LEU B 191 -37.73 4.15 -3.48
N LYS B 192 -39.05 4.25 -3.43
CA LYS B 192 -39.89 4.81 -4.52
C LYS B 192 -40.61 6.03 -3.93
N ASP B 193 -40.21 7.22 -4.40
CA ASP B 193 -40.75 8.54 -3.92
C ASP B 193 -40.61 8.52 -2.40
N GLY B 194 -39.46 8.04 -1.92
CA GLY B 194 -39.15 7.98 -0.48
C GLY B 194 -39.85 6.88 0.31
N LYS B 195 -40.72 6.07 -0.29
CA LYS B 195 -41.33 4.91 0.43
C LYS B 195 -40.49 3.65 0.22
N LEU B 196 -40.34 2.85 1.27
CA LEU B 196 -39.71 1.51 1.15
C LEU B 196 -40.70 0.52 0.54
N VAL B 197 -40.27 -0.11 -0.55
CA VAL B 197 -41.09 -1.07 -1.34
C VAL B 197 -40.24 -2.33 -1.56
N LEU B 198 -40.74 -3.45 -1.04
CA LEU B 198 -40.15 -4.81 -1.05
C LEU B 198 -40.86 -5.67 -2.06
N ASN B 199 -41.99 -5.22 -2.56
CA ASN B 199 -42.82 -6.08 -3.44
C ASN B 199 -43.03 -5.47 -4.82
N SER B 200 -42.08 -4.70 -5.35
CA SER B 200 -42.15 -4.16 -6.74
C SER B 200 -42.05 -5.33 -7.73
N LYS B 201 -42.36 -5.12 -9.02
CA LYS B 201 -42.25 -6.19 -10.02
C LYS B 201 -40.80 -6.64 -10.19
N GLU B 202 -39.80 -5.80 -9.94
CA GLU B 202 -38.38 -6.23 -10.12
C GLU B 202 -38.03 -7.17 -8.96
N ALA B 203 -38.55 -6.92 -7.77
CA ALA B 203 -38.39 -7.80 -6.59
C ALA B 203 -39.01 -9.18 -6.92
N VAL B 204 -40.23 -9.20 -7.45
CA VAL B 204 -40.96 -10.45 -7.81
C VAL B 204 -40.12 -11.15 -8.89
N GLU B 205 -39.67 -10.37 -9.88
CA GLU B 205 -38.92 -10.94 -11.03
C GLU B 205 -37.64 -11.61 -10.50
N ALA B 206 -36.97 -10.97 -9.56
CA ALA B 206 -35.66 -11.45 -9.05
C ALA B 206 -35.83 -12.71 -8.17
N LEU B 207 -36.80 -12.71 -7.27
CA LEU B 207 -37.08 -13.88 -6.41
C LEU B 207 -37.59 -15.05 -7.28
N THR B 208 -38.32 -14.78 -8.37
CA THR B 208 -38.86 -15.78 -9.32
C THR B 208 -37.69 -16.42 -10.05
N LEU B 209 -36.68 -15.63 -10.47
CA LEU B 209 -35.53 -16.17 -11.23
C LEU B 209 -34.73 -17.13 -10.35
N LEU B 210 -34.47 -16.74 -9.10
CA LEU B 210 -33.84 -17.66 -8.13
C LEU B 210 -34.72 -18.91 -7.98
N GLN B 211 -36.02 -18.77 -7.71
CA GLN B 211 -36.87 -19.99 -7.42
C GLN B 211 -36.90 -20.87 -8.67
N ASN B 212 -37.02 -20.26 -9.83
CA ASN B 212 -37.04 -21.03 -11.09
C ASN B 212 -35.71 -21.76 -11.30
N GLY B 213 -34.59 -21.14 -10.94
CA GLY B 213 -33.28 -21.79 -11.11
C GLY B 213 -33.19 -23.03 -10.22
N VAL B 214 -33.78 -23.00 -9.02
CA VAL B 214 -33.78 -24.21 -8.15
C VAL B 214 -34.62 -25.28 -8.85
N LYS B 215 -35.83 -24.93 -9.27
CA LYS B 215 -36.79 -25.82 -9.93
C LYS B 215 -36.12 -26.47 -11.15
N GLU B 216 -35.46 -25.69 -12.00
CA GLU B 216 -34.85 -26.14 -13.29
C GLU B 216 -33.49 -26.88 -13.06
N GLY B 217 -32.97 -26.95 -11.84
CA GLY B 217 -31.79 -27.80 -11.55
C GLY B 217 -30.46 -27.08 -11.69
N TRP B 218 -30.44 -25.74 -11.81
CA TRP B 218 -29.12 -25.07 -12.00
C TRP B 218 -28.66 -24.25 -10.78
N ALA B 219 -29.53 -23.92 -9.84
CA ALA B 219 -29.23 -23.08 -8.66
C ALA B 219 -29.39 -23.91 -7.37
N LYS B 220 -28.43 -23.86 -6.48
CA LYS B 220 -28.38 -24.70 -5.28
C LYS B 220 -28.45 -23.80 -4.07
N PRO B 221 -29.52 -23.94 -3.28
CA PRO B 221 -29.61 -23.15 -2.05
C PRO B 221 -28.70 -23.75 -0.97
N ILE B 222 -27.96 -22.90 -0.29
CA ILE B 222 -27.00 -23.27 0.79
C ILE B 222 -27.68 -22.83 2.09
N THR B 223 -28.11 -23.77 2.91
CA THR B 223 -28.96 -23.51 4.10
C THR B 223 -28.19 -23.68 5.41
N SER B 224 -26.98 -24.22 5.38
CA SER B 224 -26.16 -24.46 6.59
C SER B 224 -24.74 -23.96 6.31
N GLY B 225 -24.38 -22.84 6.93
CA GLY B 225 -23.06 -22.20 6.79
C GLY B 225 -22.93 -21.34 5.53
N TYR B 226 -21.81 -20.69 5.39
CA TYR B 226 -21.40 -19.93 4.17
C TYR B 226 -21.18 -20.87 2.99
N ILE B 227 -21.19 -20.31 1.79
CA ILE B 227 -20.97 -21.08 0.54
C ILE B 227 -19.63 -21.81 0.63
N ASN B 228 -18.58 -21.10 1.01
CA ASN B 228 -17.19 -21.58 1.05
C ASN B 228 -17.06 -22.68 2.15
N GLN B 229 -18.01 -22.79 3.10
CA GLN B 229 -18.04 -23.94 4.04
C GLN B 229 -18.74 -25.18 3.42
N ASN B 230 -19.39 -25.05 2.27
CA ASN B 230 -20.11 -26.17 1.65
C ASN B 230 -19.31 -26.69 0.46
N LEU B 231 -18.21 -26.03 0.07
CA LEU B 231 -17.39 -26.48 -1.08
C LEU B 231 -16.90 -27.89 -0.83
N GLY B 232 -17.02 -28.77 -1.85
CA GLY B 232 -16.39 -30.09 -1.78
C GLY B 232 -17.39 -31.20 -1.93
N SER B 233 -18.68 -30.87 -1.81
CA SER B 233 -19.79 -31.82 -2.06
C SER B 233 -20.64 -31.33 -3.24
N GLY B 234 -20.72 -32.07 -4.34
CA GLY B 234 -21.45 -31.63 -5.53
C GLY B 234 -20.59 -30.69 -6.38
N PRO B 235 -20.86 -30.60 -7.68
CA PRO B 235 -20.11 -29.65 -8.50
C PRO B 235 -20.49 -28.19 -8.23
N TYR B 236 -19.46 -27.33 -8.23
CA TYR B 236 -19.56 -25.87 -8.03
C TYR B 236 -19.00 -25.16 -9.26
N ALA B 237 -19.73 -24.22 -9.87
CA ALA B 237 -19.16 -23.36 -10.94
C ALA B 237 -19.09 -21.90 -10.44
N PHE B 238 -20.10 -21.41 -9.74
CA PHE B 238 -20.30 -19.96 -9.53
C PHE B 238 -20.99 -19.64 -8.22
N SER B 239 -20.65 -18.49 -7.67
CA SER B 239 -21.42 -17.83 -6.57
C SER B 239 -21.24 -16.33 -6.69
N VAL B 240 -22.23 -15.59 -6.19
CA VAL B 240 -22.13 -14.12 -6.05
C VAL B 240 -22.01 -13.88 -4.54
N ASP B 241 -20.93 -13.27 -4.11
CA ASP B 241 -20.53 -13.31 -2.68
C ASP B 241 -19.61 -12.11 -2.42
N THR B 242 -19.55 -11.71 -1.16
CA THR B 242 -18.67 -10.67 -0.65
C THR B 242 -17.22 -11.01 -1.02
N SER B 243 -16.56 -9.94 -1.45
CA SER B 243 -15.08 -9.87 -1.58
C SER B 243 -14.36 -10.25 -0.30
N ALA B 244 -14.91 -9.98 0.88
CA ALA B 244 -14.25 -10.31 2.17
C ALA B 244 -14.31 -11.83 2.38
N GLY B 245 -15.00 -12.57 1.53
CA GLY B 245 -14.96 -14.06 1.60
C GLY B 245 -13.71 -14.62 0.93
N TYR B 246 -12.95 -13.78 0.20
CA TYR B 246 -11.81 -14.23 -0.64
C TYR B 246 -10.95 -15.30 0.05
N THR B 247 -10.37 -14.98 1.19
CA THR B 247 -9.43 -15.88 1.90
C THR B 247 -10.18 -17.14 2.36
N TYR B 248 -11.48 -17.05 2.69
CA TYR B 248 -12.24 -18.25 3.10
C TYR B 248 -12.49 -19.22 1.95
N TYR B 249 -12.75 -18.73 0.74
CA TYR B 249 -12.88 -19.57 -0.48
C TYR B 249 -11.50 -20.21 -0.76
N LEU B 250 -10.44 -19.45 -0.62
CA LEU B 250 -9.08 -19.86 -0.97
C LEU B 250 -8.63 -20.98 -0.03
N ARG B 251 -9.00 -20.92 1.24
CA ARG B 251 -8.66 -21.96 2.24
C ARG B 251 -9.48 -23.25 1.98
N ALA B 252 -10.72 -23.15 1.47
CA ALA B 252 -11.64 -24.30 1.34
C ALA B 252 -11.48 -24.94 -0.05
N ALA B 253 -11.10 -24.18 -1.07
CA ALA B 253 -11.33 -24.65 -2.47
C ALA B 253 -10.34 -25.74 -2.85
N LYS B 254 -10.82 -26.88 -3.36
CA LYS B 254 -9.90 -27.93 -3.88
C LYS B 254 -9.67 -27.79 -5.39
N PHE B 255 -10.18 -26.73 -5.97
CA PHE B 255 -10.07 -26.35 -7.38
C PHE B 255 -9.35 -25.00 -7.46
N ASP B 256 -9.01 -24.61 -8.68
CA ASP B 256 -8.42 -23.25 -8.93
C ASP B 256 -9.51 -22.17 -8.89
N LEU B 257 -9.50 -21.31 -7.87
CA LEU B 257 -10.56 -20.29 -7.67
C LEU B 257 -10.39 -19.10 -8.63
N GLY B 258 -11.46 -18.64 -9.25
CA GLY B 258 -11.46 -17.43 -10.10
C GLY B 258 -12.28 -16.32 -9.45
N VAL B 259 -11.86 -15.07 -9.64
CA VAL B 259 -12.68 -13.88 -9.29
C VAL B 259 -12.92 -13.07 -10.55
N ALA B 260 -14.17 -12.72 -10.82
CA ALA B 260 -14.59 -11.89 -11.99
C ALA B 260 -15.53 -10.80 -11.49
N THR B 261 -15.69 -9.73 -12.27
CA THR B 261 -16.69 -8.68 -12.07
C THR B 261 -18.03 -9.37 -12.26
N LEU B 262 -19.08 -8.77 -11.73
CA LEU B 262 -20.45 -9.36 -11.78
C LEU B 262 -20.99 -9.24 -13.19
N PRO B 263 -21.71 -10.29 -13.62
CA PRO B 263 -22.54 -10.19 -14.80
C PRO B 263 -23.57 -9.04 -14.73
N GLY B 264 -23.70 -8.29 -15.82
CA GLY B 264 -24.63 -7.15 -15.97
C GLY B 264 -25.66 -7.43 -17.06
N ARG B 265 -26.61 -6.53 -17.22
CA ARG B 265 -27.65 -6.66 -18.27
C ARG B 265 -26.96 -6.78 -19.64
N THR B 266 -25.96 -5.96 -19.90
CA THR B 266 -25.16 -5.98 -21.15
C THR B 266 -23.67 -5.99 -20.86
N LYS B 267 -22.84 -6.18 -21.88
CA LYS B 267 -21.38 -6.13 -21.71
C LYS B 267 -20.91 -4.68 -21.59
N GLY B 268 -21.79 -3.67 -21.78
CA GLY B 268 -21.36 -2.27 -21.64
C GLY B 268 -20.94 -1.92 -20.22
N GLN B 269 -21.32 -2.71 -19.23
CA GLN B 269 -20.97 -2.42 -17.82
C GLN B 269 -21.12 -3.68 -17.00
N PRO B 270 -20.25 -3.95 -15.97
CA PRO B 270 -20.50 -5.08 -15.06
C PRO B 270 -21.81 -4.81 -14.26
N GLY B 271 -22.39 -5.85 -13.69
CA GLY B 271 -23.59 -5.69 -12.85
C GLY B 271 -23.23 -4.87 -11.62
N TYR B 272 -24.18 -4.20 -11.01
CA TYR B 272 -23.94 -3.61 -9.68
C TYR B 272 -23.80 -4.69 -8.62
N GLY B 273 -22.89 -4.43 -7.69
CA GLY B 273 -22.65 -5.29 -6.51
C GLY B 273 -23.25 -4.61 -5.29
N LEU B 274 -23.62 -5.36 -4.28
CA LEU B 274 -24.02 -4.78 -2.94
C LEU B 274 -22.75 -4.51 -2.16
N VAL B 275 -22.62 -3.29 -1.64
CA VAL B 275 -21.59 -2.86 -0.68
C VAL B 275 -21.99 -3.40 0.70
N GLN B 276 -21.07 -4.16 1.32
CA GLN B 276 -21.24 -4.60 2.72
C GLN B 276 -19.97 -4.27 3.52
N GLY B 277 -19.78 -4.92 4.65
CA GLY B 277 -18.73 -4.52 5.60
C GLY B 277 -19.13 -3.25 6.32
N THR B 278 -18.24 -2.63 7.07
CA THR B 278 -18.60 -1.67 8.11
C THR B 278 -17.72 -0.42 8.09
N ASN B 279 -18.24 0.58 8.77
CA ASN B 279 -17.58 1.87 9.06
C ASN B 279 -17.25 1.87 10.55
N LEU B 280 -16.30 2.70 10.99
CA LEU B 280 -16.05 2.92 12.43
C LEU B 280 -16.77 4.20 12.85
N VAL B 281 -17.54 4.12 13.92
CA VAL B 281 -18.19 5.26 14.59
C VAL B 281 -17.47 5.52 15.89
N VAL B 282 -17.59 6.75 16.40
CA VAL B 282 -17.01 7.15 17.72
C VAL B 282 -18.15 7.66 18.62
N PHE B 283 -18.29 7.11 19.83
CA PHE B 283 -19.43 7.43 20.71
C PHE B 283 -19.09 8.69 21.52
N ARG B 284 -20.06 9.60 21.60
CA ARG B 284 -19.99 10.85 22.39
C ARG B 284 -19.61 10.56 23.84
N GLN B 285 -19.99 9.41 24.41
CA GLN B 285 -19.67 9.13 25.85
C GLN B 285 -18.16 9.04 26.11
N ALA B 286 -17.34 8.73 25.10
CA ALA B 286 -15.88 8.59 25.25
C ALA B 286 -15.26 9.88 25.81
N SER B 287 -14.27 9.75 26.71
CA SER B 287 -13.51 10.87 27.30
C SER B 287 -12.72 11.59 26.20
N LYS B 288 -12.32 12.83 26.48
CA LYS B 288 -11.41 13.62 25.59
C LYS B 288 -10.18 12.81 25.19
N GLU B 289 -9.55 12.13 26.13
CA GLU B 289 -8.31 11.34 25.91
C GLU B 289 -8.67 10.14 24.99
N GLU B 290 -9.84 9.52 25.22
CA GLU B 290 -10.27 8.34 24.44
C GLU B 290 -10.56 8.79 23.00
N GLN B 291 -11.09 10.01 22.87
CA GLN B 291 -11.49 10.61 21.57
C GLN B 291 -10.22 10.97 20.79
N ALA B 292 -9.16 11.41 21.48
CA ALA B 292 -7.87 11.73 20.83
C ALA B 292 -7.18 10.42 20.39
N VAL B 293 -7.29 9.33 21.17
CA VAL B 293 -6.85 7.98 20.66
C VAL B 293 -7.62 7.61 19.37
N ALA B 294 -8.95 7.72 19.40
CA ALA B 294 -9.77 7.35 18.24
C ALA B 294 -9.28 8.18 17.05
N LYS B 295 -9.07 9.46 17.28
CA LYS B 295 -8.69 10.34 16.15
C LYS B 295 -7.41 9.80 15.50
N ASP B 296 -6.41 9.45 16.29
CA ASP B 296 -5.10 8.92 15.82
C ASP B 296 -5.30 7.57 15.13
N PHE B 297 -6.23 6.78 15.62
CA PHE B 297 -6.38 5.41 15.14
C PHE B 297 -7.07 5.50 13.77
N LEU B 298 -8.05 6.39 13.68
CA LEU B 298 -8.83 6.54 12.45
C LEU B 298 -7.92 7.13 11.37
N GLU B 299 -7.06 8.10 11.69
CA GLU B 299 -6.06 8.59 10.70
C GLU B 299 -5.12 7.45 10.27
N PHE B 300 -4.71 6.57 11.18
CA PHE B 300 -3.79 5.46 10.88
C PHE B 300 -4.46 4.47 9.90
N VAL B 301 -5.70 4.11 10.19
CA VAL B 301 -6.54 3.12 9.47
C VAL B 301 -6.88 3.60 8.05
N LEU B 302 -6.93 4.92 7.85
CA LEU B 302 -7.15 5.58 6.53
C LEU B 302 -5.82 5.81 5.80
N SER B 303 -4.68 5.43 6.39
CA SER B 303 -3.36 5.69 5.81
C SER B 303 -3.13 4.68 4.69
N PRO B 304 -2.35 5.05 3.67
CA PRO B 304 -2.21 4.20 2.50
C PRO B 304 -1.68 2.83 2.90
N ARG B 305 -0.69 2.74 3.80
CA ARG B 305 -0.04 1.44 4.16
C ARG B 305 -1.06 0.57 4.91
N ALA B 306 -1.81 1.09 5.88
CA ALA B 306 -2.80 0.27 6.64
C ALA B 306 -3.88 -0.24 5.69
N GLN B 307 -4.40 0.65 4.82
CA GLN B 307 -5.42 0.20 3.82
C GLN B 307 -4.81 -0.86 2.90
N ALA B 308 -3.59 -0.70 2.40
CA ALA B 308 -2.97 -1.66 1.46
C ALA B 308 -2.89 -3.05 2.08
N VAL B 309 -2.36 -3.13 3.30
CA VAL B 309 -2.12 -4.39 4.04
C VAL B 309 -3.47 -5.00 4.40
N PHE B 310 -4.37 -4.20 4.97
CA PHE B 310 -5.71 -4.69 5.31
C PHE B 310 -6.39 -5.30 4.07
N ALA B 311 -6.47 -4.56 2.95
CA ALA B 311 -7.17 -4.96 1.70
C ALA B 311 -6.53 -6.20 1.08
N THR B 312 -5.22 -6.23 0.99
CA THR B 312 -4.49 -7.40 0.42
C THR B 312 -4.55 -8.63 1.34
N ALA B 313 -4.74 -8.44 2.65
CA ALA B 313 -4.89 -9.57 3.59
C ALA B 313 -6.28 -10.20 3.50
N THR B 314 -7.30 -9.47 3.03
CA THR B 314 -8.72 -9.84 3.28
C THR B 314 -9.54 -9.96 1.99
N GLY B 315 -9.39 -9.09 0.97
CA GLY B 315 -10.30 -8.96 -0.16
C GLY B 315 -11.32 -7.83 0.07
N TYR B 316 -11.28 -7.14 1.23
CA TYR B 316 -11.96 -5.83 1.38
C TYR B 316 -11.38 -4.83 0.38
N VAL B 317 -12.18 -3.83 0.03
CA VAL B 317 -11.86 -2.76 -0.95
C VAL B 317 -11.08 -1.67 -0.18
N PRO B 318 -9.91 -1.29 -0.70
CA PRO B 318 -9.16 -0.16 -0.13
C PRO B 318 -10.06 1.07 -0.24
N VAL B 319 -10.23 1.86 0.82
CA VAL B 319 -11.28 2.91 0.85
C VAL B 319 -10.72 4.27 0.38
N THR B 320 -9.43 4.36 0.11
CA THR B 320 -8.77 5.63 -0.32
C THR B 320 -8.10 5.46 -1.67
N GLU B 321 -7.91 6.57 -2.38
CA GLU B 321 -7.13 6.59 -3.63
C GLU B 321 -5.66 6.31 -3.26
N GLY B 322 -5.19 6.79 -2.11
CA GLY B 322 -3.79 6.63 -1.69
C GLY B 322 -3.40 5.17 -1.56
N ALA B 323 -4.32 4.34 -1.08
CA ALA B 323 -4.01 2.93 -0.88
C ALA B 323 -3.56 2.35 -2.23
N LEU B 324 -4.19 2.74 -3.33
CA LEU B 324 -3.96 2.14 -4.67
C LEU B 324 -2.58 2.54 -5.19
N LYS B 325 -1.97 3.59 -4.65
CA LYS B 325 -0.63 4.03 -5.07
C LYS B 325 0.42 3.55 -4.09
N ASP B 326 0.03 2.89 -3.02
CA ASP B 326 0.99 2.38 -2.03
C ASP B 326 1.76 1.24 -2.67
N PRO B 327 3.09 1.22 -2.58
CA PRO B 327 3.84 0.15 -3.25
C PRO B 327 3.60 -1.26 -2.76
N VAL B 328 3.26 -1.50 -1.50
CA VAL B 328 2.85 -2.88 -1.05
C VAL B 328 1.56 -3.29 -1.76
N TYR B 329 0.57 -2.43 -1.81
CA TYR B 329 -0.64 -2.73 -2.62
C TYR B 329 -0.24 -3.01 -4.08
N GLN B 330 0.58 -2.19 -4.72
CA GLN B 330 0.94 -2.39 -6.17
C GLN B 330 1.67 -3.72 -6.39
N ALA B 331 2.53 -4.12 -5.49
CA ALA B 331 3.31 -5.38 -5.56
C ALA B 331 2.38 -6.58 -5.39
N TYR B 332 1.44 -6.56 -4.44
CA TYR B 332 0.45 -7.66 -4.38
C TYR B 332 -0.38 -7.66 -5.66
N ALA B 333 -0.92 -6.52 -6.12
CA ALA B 333 -1.80 -6.46 -7.30
C ALA B 333 -1.04 -6.99 -8.55
N ALA B 334 0.24 -6.70 -8.70
CA ALA B 334 1.01 -7.11 -9.89
C ALA B 334 1.11 -8.63 -9.90
N GLU B 335 1.21 -9.28 -8.74
CA GLU B 335 1.31 -10.77 -8.66
C GLU B 335 -0.08 -11.41 -8.74
N ASN B 336 -1.16 -10.74 -8.32
CA ASN B 336 -2.50 -11.35 -8.16
C ASN B 336 -3.57 -10.45 -8.75
N PRO B 337 -4.07 -10.71 -9.99
CA PRO B 337 -5.05 -9.83 -10.60
C PRO B 337 -6.39 -9.79 -9.85
N ASP B 338 -6.65 -10.68 -8.89
CA ASP B 338 -7.95 -10.61 -8.20
C ASP B 338 -8.13 -9.28 -7.46
N TYR B 339 -7.03 -8.62 -7.06
CA TYR B 339 -7.12 -7.38 -6.25
C TYR B 339 -7.61 -6.27 -7.16
N ALA B 340 -7.10 -6.23 -8.39
CA ALA B 340 -7.58 -5.23 -9.39
C ALA B 340 -9.06 -5.52 -9.75
N THR B 341 -9.45 -6.77 -9.94
CA THR B 341 -10.88 -7.16 -10.21
C THR B 341 -11.78 -6.66 -9.07
N ILE B 342 -11.40 -6.85 -7.81
CA ILE B 342 -12.20 -6.29 -6.68
C ILE B 342 -12.32 -4.78 -6.78
N VAL B 343 -11.23 -4.08 -7.07
CA VAL B 343 -11.31 -2.60 -7.10
C VAL B 343 -12.23 -2.17 -8.28
N ARG B 344 -12.05 -2.80 -9.44
CA ARG B 344 -12.87 -2.45 -10.59
C ARG B 344 -14.34 -2.70 -10.25
N GLN B 345 -14.69 -3.81 -9.58
CA GLN B 345 -16.11 -4.05 -9.22
C GLN B 345 -16.59 -2.96 -8.27
N SER B 346 -15.75 -2.49 -7.37
CA SER B 346 -16.17 -1.48 -6.34
C SER B 346 -16.70 -0.22 -7.02
N ARG B 347 -16.34 0.02 -8.26
CA ARG B 347 -16.88 1.20 -8.99
C ARG B 347 -18.39 1.05 -9.27
N TYR B 348 -18.92 -0.19 -9.35
CA TYR B 348 -20.33 -0.49 -9.72
C TYR B 348 -21.00 -1.05 -8.47
N ALA B 349 -21.44 -0.13 -7.61
CA ALA B 349 -21.71 -0.37 -6.17
C ALA B 349 -23.06 0.24 -5.80
N LYS B 350 -23.94 -0.56 -5.19
CA LYS B 350 -25.22 -0.10 -4.62
C LYS B 350 -25.31 -0.47 -3.13
N PHE B 351 -26.09 0.32 -2.41
CA PHE B 351 -26.36 0.17 -0.95
C PHE B 351 -27.84 -0.12 -0.74
N GLU B 352 -28.16 -0.87 0.28
CA GLU B 352 -29.52 -1.00 0.84
C GLU B 352 -29.86 0.32 1.51
N PRO B 353 -31.15 0.52 1.84
CA PRO B 353 -31.61 1.73 2.52
C PRO B 353 -30.98 1.92 3.91
N ALA B 354 -30.63 3.15 4.31
CA ALA B 354 -29.97 3.43 5.61
C ALA B 354 -31.05 3.80 6.63
N LEU B 355 -32.13 3.05 6.68
CA LEU B 355 -33.21 3.21 7.69
C LEU B 355 -32.79 2.54 9.01
N ALA B 356 -33.10 3.19 10.13
CA ALA B 356 -32.86 2.66 11.49
C ALA B 356 -33.39 1.23 11.59
N GLU B 357 -34.51 0.92 10.93
CA GLU B 357 -35.21 -0.38 11.06
C GLU B 357 -34.67 -1.45 10.10
N TRP B 358 -33.71 -1.11 9.24
CA TRP B 358 -33.35 -1.97 8.09
C TRP B 358 -32.73 -3.28 8.56
N GLU B 359 -31.97 -3.27 9.63
CA GLU B 359 -31.29 -4.52 10.02
C GLU B 359 -32.38 -5.55 10.34
N GLN B 360 -33.39 -5.18 11.15
CA GLN B 360 -34.54 -6.03 11.42
C GLN B 360 -35.22 -6.45 10.10
N ILE B 361 -35.48 -5.52 9.17
CA ILE B 361 -36.23 -5.81 7.92
C ILE B 361 -35.45 -6.82 7.07
N ARG B 362 -34.13 -6.58 6.89
CA ARG B 362 -33.32 -7.37 5.93
C ARG B 362 -33.31 -8.84 6.34
N PHE B 363 -33.29 -9.14 7.64
CA PHE B 363 -33.12 -10.52 8.18
C PHE B 363 -34.50 -11.13 8.51
N ASP B 364 -35.32 -10.46 9.32
CA ASP B 364 -36.54 -11.10 9.87
C ASP B 364 -37.72 -11.00 8.90
N ILE B 365 -37.70 -10.07 7.95
CA ILE B 365 -38.86 -9.77 7.08
C ILE B 365 -38.51 -10.10 5.61
N LEU B 366 -37.62 -9.33 4.97
CA LEU B 366 -37.18 -9.61 3.56
C LEU B 366 -36.47 -10.98 3.46
N GLY B 367 -35.56 -11.27 4.38
CA GLY B 367 -34.81 -12.55 4.47
C GLY B 367 -35.74 -13.72 4.71
N GLN B 368 -36.77 -13.57 5.53
CA GLN B 368 -37.75 -14.67 5.74
C GLN B 368 -38.53 -14.90 4.43
N ALA B 369 -39.09 -13.87 3.79
CA ALA B 369 -39.78 -14.01 2.48
C ALA B 369 -38.91 -14.76 1.46
N ILE B 370 -37.65 -14.40 1.33
CA ILE B 370 -36.73 -15.08 0.33
C ILE B 370 -36.62 -16.57 0.67
N LYS B 371 -36.49 -16.90 1.97
CA LYS B 371 -36.43 -18.31 2.43
C LYS B 371 -37.75 -19.06 2.12
N GLU B 372 -38.91 -18.46 2.40
CA GLU B 372 -40.24 -19.06 2.18
C GLU B 372 -40.35 -19.38 0.69
N ALA B 373 -40.01 -18.47 -0.20
CA ALA B 373 -40.13 -18.71 -1.65
C ALA B 373 -39.17 -19.81 -2.12
N ILE B 374 -37.93 -19.77 -1.65
CA ILE B 374 -36.85 -20.69 -2.14
C ILE B 374 -36.94 -22.03 -1.41
N LEU B 375 -37.13 -22.07 -0.08
CA LEU B 375 -37.09 -23.34 0.66
C LEU B 375 -38.49 -23.94 0.78
N ASN B 376 -39.59 -23.14 0.79
CA ASN B 376 -40.96 -23.71 0.96
C ASN B 376 -41.84 -23.47 -0.27
N LYS B 377 -41.26 -22.99 -1.37
CA LYS B 377 -42.00 -22.80 -2.66
C LYS B 377 -43.20 -21.87 -2.49
N ALA B 378 -43.21 -20.97 -1.51
CA ALA B 378 -44.18 -19.87 -1.42
C ALA B 378 -44.11 -19.14 -2.75
N ASP B 379 -45.25 -18.80 -3.31
CA ASP B 379 -45.35 -17.89 -4.47
C ASP B 379 -44.53 -16.61 -4.20
N PRO B 380 -43.60 -16.23 -5.09
CA PRO B 380 -42.75 -15.07 -4.79
C PRO B 380 -43.52 -13.80 -4.47
N LYS B 381 -44.50 -13.46 -5.29
CA LYS B 381 -45.32 -12.27 -5.05
C LYS B 381 -46.00 -12.37 -3.69
N ALA B 382 -46.65 -13.49 -3.36
CA ALA B 382 -47.41 -13.55 -2.08
C ALA B 382 -46.44 -13.39 -0.91
N ALA B 383 -45.26 -13.97 -1.02
CA ALA B 383 -44.22 -13.86 0.03
C ALA B 383 -43.76 -12.41 0.21
N LEU B 384 -43.50 -11.73 -0.90
CA LEU B 384 -43.03 -10.33 -0.85
C LEU B 384 -44.18 -9.40 -0.44
N ASP B 385 -45.44 -9.70 -0.77
CA ASP B 385 -46.59 -8.88 -0.33
C ASP B 385 -46.71 -8.99 1.19
N ARG B 386 -46.46 -10.15 1.77
CA ARG B 386 -46.49 -10.28 3.23
C ARG B 386 -45.32 -9.44 3.75
N ALA B 387 -44.14 -9.58 3.14
CA ALA B 387 -42.94 -8.80 3.55
C ALA B 387 -43.31 -7.33 3.61
N GLN B 388 -43.98 -6.82 2.57
CA GLN B 388 -44.30 -5.38 2.47
C GLN B 388 -45.18 -4.95 3.63
N LYS B 389 -46.21 -5.74 3.89
CA LYS B 389 -47.18 -5.44 4.96
C LYS B 389 -46.45 -5.44 6.33
N LEU B 390 -45.59 -6.43 6.59
CA LEU B 390 -44.84 -6.50 7.88
C LEU B 390 -43.92 -5.28 8.02
N ALA B 391 -43.31 -4.82 6.95
CA ALA B 391 -42.35 -3.70 6.99
C ALA B 391 -43.10 -2.37 7.11
N GLU B 392 -44.23 -2.20 6.45
CA GLU B 392 -45.07 -1.01 6.70
C GLU B 392 -45.51 -0.98 8.17
N ASP B 393 -45.94 -2.11 8.71
CA ASP B 393 -46.36 -2.12 10.14
C ASP B 393 -45.17 -1.80 11.04
N LEU B 394 -43.97 -2.29 10.72
CA LEU B 394 -42.79 -2.01 11.59
C LEU B 394 -42.50 -0.50 11.51
N LEU B 395 -42.47 0.07 10.29
CA LEU B 395 -42.16 1.51 10.11
C LEU B 395 -43.27 2.34 10.77
N SER B 396 -44.54 1.95 10.69
CA SER B 396 -45.70 2.62 11.35
C SER B 396 -45.48 2.66 12.87
N SER B 397 -45.16 1.52 13.48
CA SER B 397 -44.82 1.43 14.92
C SER B 397 -43.48 2.14 15.15
CL CL C . 9.27 21.08 -28.59
CL CL D . 26.30 32.37 9.83
CL CL E . 27.86 29.58 13.68
P PO2 F . 32.71 14.74 -3.95
O1 PO2 F . 32.20 13.67 -2.74
O2 PO2 F . 31.99 16.28 -4.06
C CO2 G . 17.67 2.80 -25.63
O1 CO2 G . 17.01 3.64 -26.12
O2 CO2 G . 18.11 1.88 -25.04
C CO2 H . 16.28 36.50 -11.04
O1 CO2 H . 15.23 36.07 -11.29
O2 CO2 H . 17.37 36.91 -11.04
C CO2 I . 20.96 -14.45 4.11
O1 CO2 I . 20.42 -14.90 5.06
O2 CO2 I . 21.40 -14.23 3.04
C1 EDO J . 16.06 -14.37 10.09
O1 EDO J . 17.17 -13.67 10.61
C2 EDO J . 15.15 -13.56 9.31
O2 EDO J . 14.92 -14.05 8.01
C1 EDO K . 37.07 11.93 1.46
O1 EDO K . 37.94 10.90 1.05
C2 EDO K . 36.80 12.87 0.34
O2 EDO K . 35.46 12.81 -0.15
C1 EDO L . 37.29 -8.93 -14.47
O1 EDO L . 36.82 -9.28 -13.18
C2 EDO L . 36.88 -9.88 -15.54
O2 EDO L . 38.00 -10.44 -16.25
C1 EDO M . 1.99 9.12 2.55
O1 EDO M . 1.90 9.43 3.90
C2 EDO M . 1.51 10.26 1.71
O2 EDO M . 2.17 11.46 2.02
C1 GOL N . 24.21 26.12 8.25
O1 GOL N . 24.11 27.18 7.30
C2 GOL N . 24.16 26.58 9.69
O2 GOL N . 25.45 26.95 10.14
C3 GOL N . 23.17 27.70 9.95
O3 GOL N . 22.02 27.23 10.66
C1 GOL O . 17.53 12.73 16.18
O1 GOL O . 18.51 13.13 15.24
C2 GOL O . 18.02 12.68 17.61
O2 GOL O . 19.37 13.13 17.71
C3 GOL O . 17.18 13.53 18.55
O3 GOL O . 16.03 12.82 18.98
C1 PEG P . 34.80 -13.42 6.77
O1 PEG P . 35.03 -12.97 8.10
C2 PEG P . 33.63 -14.33 6.66
O2 PEG P . 33.91 -15.36 5.72
C3 PEG P . 33.55 -15.04 4.39
C4 PEG P . 33.33 -16.29 3.59
O4 PEG P . 33.83 -16.17 2.26
C1 PEG Q . 30.15 3.70 13.55
O1 PEG Q . 30.19 2.42 12.93
C2 PEG Q . 30.61 4.81 12.64
O2 PEG Q . 30.16 6.05 13.18
C3 PEG Q . 29.78 7.04 12.23
C4 PEG Q . 28.29 7.09 12.10
O4 PEG Q . 27.69 8.04 12.96
C1 PEG R . 2.56 4.11 11.95
O1 PEG R . 3.16 2.85 12.19
C2 PEG R . 2.66 5.00 13.14
O2 PEG R . 1.37 5.40 13.56
C3 PEG R . 1.25 6.82 13.71
C4 PEG R . -0.08 7.16 14.25
O4 PEG R . -0.06 7.38 15.65
C1 PDO S . 20.80 -14.16 7.97
O1 PDO S . 21.73 -15.10 7.42
C2 PDO S . 20.12 -13.23 6.97
C3 PDO S . 19.21 -12.23 7.64
O3 PDO S . 17.88 -12.13 7.24
O1 PG4 T . 8.40 -4.48 -13.74
C1 PG4 T . 7.97 -5.40 -12.75
C2 PG4 T . 8.98 -5.57 -11.67
O2 PG4 T . 9.46 -4.29 -11.29
C3 PG4 T . 10.89 -4.21 -11.19
C4 PG4 T . 11.29 -2.77 -11.05
O3 PG4 T . 11.07 -2.32 -9.71
C5 PG4 T . 11.24 -0.92 -9.52
C6 PG4 T . 9.92 -0.29 -9.20
O4 PG4 T . 9.55 0.63 -10.23
C7 PG4 T . 8.38 1.39 -9.93
C8 PG4 T . 7.15 0.53 -10.09
O5 PG4 T . 5.97 1.18 -9.73
OH2 1PE U . 5.01 -9.73 -4.58
C12 1PE U . 5.54 -10.06 -3.28
C22 1PE U . 4.66 -9.28 -2.32
OH3 1PE U . 5.34 -8.06 -2.03
C13 1PE U . 5.78 -6.38 -0.37
C23 1PE U . 4.80 -7.42 -0.89
OH4 1PE U . 6.02 -5.39 -1.35
C14 1PE U . 7.07 -3.26 -1.64
C24 1PE U . 6.91 -4.46 -0.73
OH5 1PE U . 7.43 -3.73 -2.95
C15 1PE U . 8.60 -2.84 -4.88
C25 1PE U . 7.66 -2.58 -3.71
OH6 1PE U . 7.81 -3.43 -5.89
C16 1PE U . 7.73 -4.45 -8.06
C26 1PE U . 8.52 -3.53 -7.13
OH7 1PE U . 6.36 -3.98 -8.24
C10 FGO V . 22.12 9.45 -5.81
C11 FGO V . 21.33 9.22 -7.96
C12 FGO V . 20.75 7.93 -9.85
C13 FGO V . 19.66 7.17 -10.42
C14 FGO V . 19.07 8.08 -8.49
C15 FGO V . 19.97 6.51 -11.68
C16 FGO V . 22.14 7.39 -11.63
C17 FGO V . 20.91 10.60 -7.58
C18 FGO V . 21.38 10.73 -6.14
C21 FGO V . 21.67 11.62 -8.35
O12 FGO V . 23.79 6.03 -2.81
P FGO V . 23.02 7.30 -2.79
O11 FGO V . 21.76 7.32 -1.76
O FGO V . 23.88 8.52 -2.16
C FGO V . 25.22 8.79 -2.62
C3 FGO V . 26.21 8.36 -1.57
C4 FGO V . 27.55 7.81 -2.07
O3 FGO V . 28.24 8.77 -2.90
O2 FGO V . 26.47 9.53 -0.80
C2 FGO V . 25.86 10.69 -1.32
N FGO V . 26.80 11.77 -1.08
C8 FGO V . 28.08 11.75 -1.52
C7 FGO V . 28.89 12.84 -1.22
C6 FGO V . 28.40 13.90 -0.44
O5 FGO V . 29.08 14.90 -0.10
N1 FGO V . 27.14 13.91 -0.01
C5 FGO V . 26.36 12.86 -0.29
O4 FGO V . 25.21 12.91 0.16
C1 FGO V . 25.55 10.28 -2.75
O1 FGO V . 24.52 11.01 -3.40
O6 FGO V . 22.55 7.70 -4.24
C9 FGO V . 21.88 8.94 -4.41
C19 FGO V . 22.25 11.95 -6.01
C20 FGO V . 22.69 12.22 -7.44
O9 FGO V . 23.99 11.65 -7.67
O10 FGO V . 22.72 13.55 -7.77
O7 FGO V . 21.58 8.51 -6.72
N2 FGO V . 20.34 8.46 -8.73
N3 FGO V . 18.64 7.28 -9.53
N5 FGO V . 21.94 8.02 -10.45
N6 FGO V . 23.35 7.49 -12.21
N4 FGO V . 21.19 6.65 -12.22
O8 FGO V . 19.16 5.83 -12.31
CL CL W . -17.17 5.71 -12.00
P PO2 X . -17.31 -18.73 11.22
O1 PO2 X . -18.51 -19.83 10.73
O2 PO2 X . -17.63 -17.07 11.05
C CO2 Y . 5.34 -2.59 5.88
O1 CO2 Y . 4.39 -2.00 6.17
O2 CO2 Y . 6.41 -3.03 5.79
C CO2 Z . -35.44 -19.11 -16.47
O1 CO2 Z . -36.49 -18.94 -15.96
O2 CO2 Z . -34.52 -19.48 -17.11
C CO2 AA . -18.18 -30.91 -22.67
O1 CO2 AA . -18.81 -29.96 -22.40
O2 CO2 AA . -17.37 -31.68 -23.01
C1 EDO BA . -23.73 -18.34 7.79
O1 EDO BA . -23.86 -19.40 8.73
C2 EDO BA . -24.55 -17.13 8.07
O2 EDO BA . -24.78 -16.40 6.87
C1 GOL CA . -6.58 -18.39 -9.58
O1 GOL CA . -5.35 -19.02 -9.88
C2 GOL CA . -6.35 -17.14 -8.74
O2 GOL CA . -7.50 -16.31 -8.89
C3 GOL CA . -6.10 -17.41 -7.26
O3 GOL CA . -6.26 -18.78 -6.94
C1 GOL DA . -23.57 -13.90 1.49
O1 GOL DA . -24.97 -13.79 1.18
C2 GOL DA . -23.04 -12.74 2.31
O2 GOL DA . -21.90 -13.17 3.09
C3 GOL DA . -22.64 -11.52 1.50
O3 GOL DA . -22.87 -11.68 0.12
C1 GOL EA . -7.26 -14.68 -13.84
O1 GOL EA . -7.17 -15.96 -14.46
C2 GOL EA . -7.56 -14.79 -12.36
O2 GOL EA . -6.79 -15.85 -11.78
C3 GOL EA . -9.02 -15.01 -12.06
O3 GOL EA . -9.23 -15.28 -10.67
C1 GOL FA . -25.94 -2.55 -15.13
O1 GOL FA . -24.66 -3.10 -15.40
C2 GOL FA . -27.07 -3.57 -15.26
O2 GOL FA . -26.68 -4.84 -14.74
C3 GOL FA . -28.34 -3.10 -14.60
O3 GOL FA . -28.75 -1.84 -15.08
C1 PEG GA . -1.74 -12.26 1.36
O1 PEG GA . -1.50 -11.50 2.52
C2 PEG GA . -2.97 -13.11 1.48
O2 PEG GA . -3.71 -13.03 0.27
C3 PEG GA . -4.55 -14.17 0.04
C4 PEG GA . -3.77 -15.25 -0.64
O4 PEG GA . -3.85 -15.14 -2.05
C1 PGO HA . -16.01 -28.31 -7.32
C2 PGO HA . -16.34 -29.08 -6.05
C3 PGO HA . -17.24 -28.29 -5.15
O1 PGO HA . -17.02 -28.44 -8.34
O2 PGO HA . -15.11 -29.45 -5.33
C1 PGR IA . -29.90 -29.70 -14.28
C2 PGR IA . -29.71 -30.94 -13.40
C3 PGR IA . -28.66 -31.88 -13.94
O1 PGR IA . -30.23 -30.04 -15.63
O2 PGR IA . -29.35 -30.53 -12.05
O1 PG4 JA . -24.08 7.35 -2.10
C1 PG4 JA . -23.32 6.83 -3.17
C2 PG4 JA . -22.48 7.89 -3.85
O2 PG4 JA . -22.00 7.38 -5.09
C3 PG4 JA . -20.82 8.01 -5.57
C4 PG4 JA . -21.17 9.32 -6.14
O3 PG4 JA . -20.02 10.13 -6.24
C5 PG4 JA . -20.31 11.45 -6.70
C6 PG4 JA . -20.71 12.31 -5.56
O4 PG4 JA . -21.41 13.43 -6.08
C7 PG4 JA . -21.11 14.64 -5.40
C8 PG4 JA . -21.74 14.62 -4.06
O5 PG4 JA . -20.81 14.28 -3.06
C10 FGO KA . -22.26 -9.70 5.64
C11 FGO KA . -24.18 -8.68 6.42
C12 FGO KA . -25.51 -6.90 7.43
C13 FGO KA . -26.24 -5.70 7.03
C14 FGO KA . -25.35 -6.71 5.29
C15 FGO KA . -26.90 -4.91 8.12
C16 FGO KA . -26.09 -6.53 9.69
C17 FGO KA . -24.62 -9.83 5.51
C18 FGO KA . -23.36 -10.51 5.03
C21 FGO KA . -25.40 -10.82 6.24
O12 FGO KA . -17.91 -7.66 5.79
P FGO KA . -18.66 -8.57 4.88
O11 FGO KA . -18.57 -8.28 3.34
O FGO KA . -18.20 -10.09 5.14
C FGO KA . -18.04 -10.72 6.42
C3 FGO KA . -16.57 -10.89 6.45
C4 FGO KA . -15.96 -10.87 7.83
O3 FGO KA . -16.65 -11.74 8.67
O2 FGO KA . -16.35 -12.18 5.89
C2 FGO KA . -17.55 -12.87 5.54
N FGO KA . -17.31 -14.30 5.87
C8 FGO KA . -17.02 -14.67 7.15
C7 FGO KA . -16.78 -15.98 7.46
C6 FGO KA . -16.82 -16.90 6.39
O5 FGO KA . -16.60 -18.14 6.54
N1 FGO KA . -17.09 -16.50 5.13
C5 FGO KA . -17.36 -15.22 4.84
O4 FGO KA . -17.59 -14.90 3.66
C1 FGO KA . -18.60 -12.13 6.34
O1 FGO KA . -19.82 -12.18 5.60
O6 FGO KA . -20.21 -8.54 5.31
C9 FGO KA . -21.12 -9.40 4.68
C19 FGO KA . -23.40 -11.93 5.53
C20 FGO KA . -24.44 -11.88 6.57
O9 FGO KA . -23.73 -11.75 7.79
O10 FGO KA . -25.16 -13.03 6.62
O7 FGO KA . -22.83 -8.44 5.97
N2 FGO KA . -25.00 -7.44 6.34
N3 FGO KA . -26.09 -5.63 5.67
N5 FGO KA . -25.45 -7.28 8.72
N6 FGO KA . -25.97 -6.93 10.99
N4 FGO KA . -26.78 -5.35 9.40
O8 FGO KA . -27.56 -3.87 7.89
#